data_3H6K
#
_entry.id   3H6K
#
_cell.length_a   56.198
_cell.length_b   152.007
_cell.length_c   74.543
_cell.angle_alpha   90.000
_cell.angle_beta   92.410
_cell.angle_gamma   90.000
#
_symmetry.space_group_name_H-M   'P 1 21 1'
#
loop_
_entity.id
_entity.type
_entity.pdbx_description
1 polymer 'Corticosteroid 11-beta-dehydrogenase isozyme 1'
2 non-polymer 'NADP NICOTINAMIDE-ADENINE-DINUCLEOTIDE PHOSPHATE'
3 non-polymer 3-chloro-4-({(2R)-4-[4-fluoro-2-(trifluoromethyl)phenyl]-2-methylpiperazin-1-yl}sulfonyl)benzamide
4 water water
#
_entity_poly.entity_id   1
_entity_poly.type   'polypeptide(L)'
_entity_poly.pdbx_seq_one_letter_code
;MKHQHQHQHQHQHQQPLNEEFRPEMLQGKKVIVTGASKGIGREMAYHLAKMGAHVVVTARSKETLQKVVSHCLELGAASA
HYIAGTMEDMTFAEQFVAQAGKLMGGLDMLILNHITNTSLNLFHDDIHHVRKSMEVNFLSYVVLTVAALPMLKQSNGSIV
VVSSLAGKVAYPMVAAYSASKFALDGFFSSIRKEYSVSRVNVSITLCVLGLIDTETAMKAVSGIVHMQAAPKEECALEII
KGGALRQEEVYYDSSLWTTLLIRNPSRKILEFLYSTSYNMDRFINK
;
_entity_poly.pdbx_strand_id   A,B,C,D
#
loop_
_chem_comp.id
_chem_comp.type
_chem_comp.name
_chem_comp.formula
33T non-polymer 3-chloro-4-({(2R)-4-[4-fluoro-2-(trifluoromethyl)phenyl]-2-methylpiperazin-1-yl}sulfonyl)benzamide 'C19 H18 Cl F4 N3 O3 S'
NAP non-polymer 'NADP NICOTINAMIDE-ADENINE-DINUCLEOTIDE PHOSPHATE' 'C21 H28 N7 O17 P3'
#
# COMPACT_ATOMS: atom_id res chain seq x y z
N GLU A 20 6.52 25.01 12.15
CA GLU A 20 6.58 26.22 11.35
C GLU A 20 5.43 27.19 11.60
N PHE A 21 4.33 26.71 12.18
CA PHE A 21 3.17 27.58 12.41
C PHE A 21 3.24 28.46 13.65
N ARG A 22 2.74 29.68 13.50
CA ARG A 22 2.67 30.67 14.56
C ARG A 22 1.46 31.59 14.32
N PRO A 23 0.68 31.85 15.37
CA PRO A 23 -0.59 32.59 15.29
C PRO A 23 -0.50 33.87 14.47
N GLU A 24 0.67 34.50 14.46
CA GLU A 24 0.85 35.77 13.78
C GLU A 24 0.58 35.62 12.28
N MET A 25 0.60 34.39 11.78
CA MET A 25 0.36 34.15 10.36
C MET A 25 -0.98 34.69 9.89
N LEU A 26 -1.96 34.73 10.80
CA LEU A 26 -3.32 35.11 10.41
C LEU A 26 -3.70 36.52 10.86
N GLN A 27 -2.73 37.27 11.35
CA GLN A 27 -2.96 38.65 11.75
C GLN A 27 -3.21 39.51 10.51
N GLY A 28 -4.36 40.18 10.48
CA GLY A 28 -4.68 41.03 9.34
C GLY A 28 -5.03 40.29 8.06
N LYS A 29 -4.94 38.96 8.09
CA LYS A 29 -5.45 38.16 6.98
C LYS A 29 -6.98 38.25 6.92
N LYS A 30 -7.51 38.31 5.70
CA LYS A 30 -8.95 38.42 5.51
C LYS A 30 -9.51 37.03 5.27
N VAL A 31 -10.48 36.61 6.08
CA VAL A 31 -10.93 35.23 6.07
C VAL A 31 -12.44 35.05 6.16
N ILE A 32 -12.97 34.14 5.33
CA ILE A 32 -14.38 33.74 5.39
C ILE A 32 -14.51 32.35 6.03
N VAL A 33 -15.43 32.20 6.97
CA VAL A 33 -15.79 30.88 7.50
C VAL A 33 -17.27 30.61 7.27
N THR A 34 -17.58 29.53 6.58
CA THR A 34 -18.98 29.17 6.38
C THR A 34 -19.44 28.20 7.46
N GLY A 35 -20.76 28.03 7.62
CA GLY A 35 -21.24 27.18 8.70
C GLY A 35 -20.55 27.56 9.98
N ALA A 36 -20.42 28.87 10.21
CA ALA A 36 -19.63 29.39 11.33
C ALA A 36 -20.46 29.76 12.54
N SER A 37 -21.71 29.32 12.58
CA SER A 37 -22.58 29.65 13.69
C SER A 37 -22.56 28.61 14.82
N LYS A 38 -22.00 27.43 14.55
CA LYS A 38 -22.03 26.32 15.51
C LYS A 38 -20.80 25.45 15.36
N GLY A 39 -20.68 24.42 16.20
CA GLY A 39 -19.61 23.44 16.07
C GLY A 39 -18.28 23.99 15.59
N ILE A 40 -17.52 23.18 14.86
CA ILE A 40 -16.17 23.54 14.42
C ILE A 40 -16.10 24.92 13.74
N GLY A 41 -17.18 25.30 13.06
CA GLY A 41 -17.22 26.58 12.37
C GLY A 41 -17.10 27.75 13.33
N ARG A 42 -17.83 27.69 14.44
CA ARG A 42 -17.78 28.74 15.46
C ARG A 42 -16.39 28.77 16.10
N GLU A 43 -15.90 27.60 16.49
CA GLU A 43 -14.56 27.45 17.06
C GLU A 43 -13.45 28.01 16.18
N MET A 44 -13.60 27.81 14.87
CA MET A 44 -12.63 28.31 13.91
C MET A 44 -12.65 29.83 13.85
N ALA A 45 -13.84 30.41 13.78
CA ALA A 45 -13.99 31.87 13.78
C ALA A 45 -13.33 32.48 15.04
N TYR A 46 -13.55 31.86 16.19
CA TYR A 46 -12.97 32.32 17.45
C TYR A 46 -11.43 32.28 17.48
N HIS A 47 -10.85 31.23 16.93
CA HIS A 47 -9.40 31.16 16.83
C HIS A 47 -8.87 32.29 15.96
N LEU A 48 -9.53 32.49 14.82
CA LEU A 48 -9.19 33.54 13.89
C LEU A 48 -9.23 34.92 14.55
N ALA A 49 -10.26 35.13 15.36
CA ALA A 49 -10.44 36.39 16.08
C ALA A 49 -9.27 36.64 17.03
N LYS A 50 -8.93 35.66 17.86
CA LYS A 50 -7.78 35.76 18.76
C LYS A 50 -6.53 36.13 17.98
N MET A 51 -6.37 35.53 16.81
CA MET A 51 -5.17 35.70 16.01
C MET A 51 -5.12 37.05 15.29
N GLY A 52 -6.18 37.83 15.46
CA GLY A 52 -6.20 39.20 14.95
C GLY A 52 -6.56 39.27 13.49
N ALA A 53 -7.31 38.29 13.01
CA ALA A 53 -7.72 38.26 11.62
C ALA A 53 -8.95 39.14 11.35
N HIS A 54 -9.12 39.54 10.10
CA HIS A 54 -10.39 40.06 9.66
C HIS A 54 -11.26 38.85 9.36
N VAL A 55 -12.46 38.81 9.91
CA VAL A 55 -13.33 37.65 9.72
C VAL A 55 -14.74 38.02 9.26
N VAL A 56 -15.23 37.26 8.29
CA VAL A 56 -16.61 37.36 7.83
C VAL A 56 -17.20 35.96 7.94
N VAL A 57 -18.34 35.82 8.61
CA VAL A 57 -18.86 34.49 8.90
C VAL A 57 -20.26 34.28 8.36
N THR A 58 -20.65 33.03 8.19
CA THR A 58 -21.99 32.77 7.66
C THR A 58 -22.67 31.48 8.12
N ALA A 59 -23.98 31.48 7.98
CA ALA A 59 -24.85 30.39 8.36
C ALA A 59 -26.23 30.92 8.05
N ARG A 60 -27.28 30.16 8.35
CA ARG A 60 -28.61 30.63 8.05
C ARG A 60 -29.16 31.55 9.15
N SER A 61 -28.77 31.29 10.40
CA SER A 61 -29.36 31.98 11.56
C SER A 61 -28.61 33.24 11.95
N LYS A 62 -29.27 34.39 11.87
CA LYS A 62 -28.61 35.65 12.20
C LYS A 62 -28.45 35.77 13.71
N GLU A 63 -29.42 35.26 14.46
CA GLU A 63 -29.35 35.30 15.91
C GLU A 63 -28.04 34.74 16.44
N THR A 64 -27.67 33.56 15.97
CA THR A 64 -26.45 32.92 16.46
C THR A 64 -25.20 33.57 15.86
N LEU A 65 -25.28 33.97 14.59
CA LEU A 65 -24.15 34.62 13.95
C LEU A 65 -23.83 35.92 14.68
N GLN A 66 -24.87 36.64 15.08
CA GLN A 66 -24.70 37.84 15.90
C GLN A 66 -23.88 37.55 17.17
N LYS A 67 -24.30 36.56 17.95
CA LYS A 67 -23.56 36.16 19.14
C LYS A 67 -22.08 35.89 18.81
N VAL A 68 -21.84 35.13 17.76
CA VAL A 68 -20.47 34.82 17.34
C VAL A 68 -19.67 36.07 16.99
N VAL A 69 -20.26 36.98 16.21
CA VAL A 69 -19.55 38.18 15.80
C VAL A 69 -19.08 39.06 16.97
N SER A 70 -19.91 39.24 17.99
CA SER A 70 -19.51 40.04 19.13
C SER A 70 -18.39 39.35 19.87
N HIS A 71 -18.49 38.03 19.96
CA HIS A 71 -17.44 37.26 20.63
C HIS A 71 -16.10 37.36 19.89
N CYS A 72 -16.13 37.29 18.56
CA CYS A 72 -14.90 37.42 17.79
C CYS A 72 -14.22 38.75 18.10
N LEU A 73 -15.03 39.77 18.34
CA LEU A 73 -14.53 41.12 18.63
C LEU A 73 -13.82 41.17 19.99
N GLU A 74 -14.48 40.64 21.01
CA GLU A 74 -13.89 40.52 22.33
C GLU A 74 -12.58 39.76 22.30
N LEU A 75 -12.47 38.81 21.37
CA LEU A 75 -11.32 37.93 21.28
C LEU A 75 -10.13 38.56 20.57
N GLY A 76 -10.32 39.79 20.09
CA GLY A 76 -9.25 40.55 19.47
C GLY A 76 -9.28 40.54 17.95
N ALA A 77 -10.46 40.35 17.39
CA ALA A 77 -10.57 40.26 15.95
C ALA A 77 -10.37 41.63 15.30
N ALA A 78 -9.48 41.69 14.30
CA ALA A 78 -9.26 42.91 13.55
C ALA A 78 -10.57 43.45 12.96
N SER A 79 -11.51 42.57 12.66
CA SER A 79 -12.85 42.94 12.21
C SER A 79 -13.75 41.71 12.12
N ALA A 80 -15.00 41.85 12.50
CA ALA A 80 -15.92 40.71 12.54
C ALA A 80 -17.33 41.11 12.10
N HIS A 81 -17.84 40.40 11.10
CA HIS A 81 -19.18 40.67 10.57
C HIS A 81 -19.81 39.37 10.08
N TYR A 82 -21.14 39.26 10.19
CA TYR A 82 -21.83 38.09 9.65
C TYR A 82 -22.64 38.45 8.42
N ILE A 83 -22.94 37.44 7.61
CA ILE A 83 -23.90 37.60 6.52
C ILE A 83 -24.74 36.33 6.50
N ALA A 84 -26.04 36.46 6.70
CA ALA A 84 -26.87 35.27 6.85
C ALA A 84 -27.54 34.93 5.53
N GLY A 85 -27.73 33.64 5.30
CA GLY A 85 -28.32 33.15 4.07
C GLY A 85 -28.06 31.67 3.93
N THR A 86 -28.82 31.00 3.07
CA THR A 86 -28.73 29.55 2.93
C THR A 86 -27.95 29.13 1.67
N MET A 87 -26.99 28.25 1.85
CA MET A 87 -26.16 27.80 0.73
C MET A 87 -26.88 26.80 -0.16
N GLU A 88 -28.19 26.64 0.02
CA GLU A 88 -28.97 25.88 -0.94
C GLU A 88 -29.25 26.81 -2.10
N ASP A 89 -28.93 28.08 -1.89
CA ASP A 89 -29.18 29.12 -2.88
C ASP A 89 -27.83 29.57 -3.44
N MET A 90 -27.55 29.18 -4.67
CA MET A 90 -26.25 29.46 -5.29
C MET A 90 -26.09 30.94 -5.64
N THR A 91 -27.21 31.66 -5.64
CA THR A 91 -27.16 33.10 -5.84
C THR A 91 -26.68 33.78 -4.57
N PHE A 92 -27.26 33.45 -3.43
CA PHE A 92 -26.74 33.97 -2.16
C PHE A 92 -25.27 33.64 -1.99
N ALA A 93 -24.91 32.39 -2.28
CA ALA A 93 -23.56 31.93 -2.08
C ALA A 93 -22.58 32.82 -2.84
N GLU A 94 -22.96 33.11 -4.08
CA GLU A 94 -22.14 33.82 -5.04
C GLU A 94 -22.05 35.32 -4.74
N GLN A 95 -23.10 35.85 -4.13
CA GLN A 95 -23.11 37.25 -3.74
C GLN A 95 -22.52 37.40 -2.36
N PHE A 96 -22.72 36.39 -1.52
CA PHE A 96 -22.16 36.43 -0.18
C PHE A 96 -20.65 36.65 -0.23
N VAL A 97 -19.98 36.09 -1.25
CA VAL A 97 -18.52 36.18 -1.38
C VAL A 97 -18.09 37.54 -1.91
N ALA A 98 -18.86 38.07 -2.85
CA ALA A 98 -18.64 39.40 -3.41
C ALA A 98 -18.73 40.41 -2.29
N GLN A 99 -19.86 40.39 -1.60
CA GLN A 99 -20.13 41.28 -0.49
C GLN A 99 -19.07 41.18 0.61
N ALA A 100 -18.79 39.96 1.08
CA ALA A 100 -17.77 39.75 2.10
C ALA A 100 -16.41 40.34 1.69
N GLY A 101 -15.93 39.99 0.50
CA GLY A 101 -14.67 40.50 0.00
C GLY A 101 -14.60 42.02 -0.08
N LYS A 102 -15.66 42.65 -0.56
CA LYS A 102 -15.69 44.10 -0.70
C LYS A 102 -15.64 44.75 0.68
N LEU A 103 -16.35 44.15 1.62
CA LEU A 103 -16.32 44.61 3.00
C LEU A 103 -14.90 44.61 3.55
N MET A 104 -14.22 43.46 3.47
CA MET A 104 -12.89 43.29 4.06
C MET A 104 -11.75 43.88 3.22
N GLY A 105 -12.07 44.34 2.01
CA GLY A 105 -11.06 44.93 1.14
C GLY A 105 -10.22 43.85 0.46
N GLY A 106 -10.78 42.66 0.32
CA GLY A 106 -10.04 41.56 -0.27
C GLY A 106 -10.22 40.28 0.54
N LEU A 107 -9.45 39.25 0.20
CA LEU A 107 -9.60 37.96 0.84
C LEU A 107 -8.32 37.14 0.72
N ASP A 108 -7.91 36.53 1.82
CA ASP A 108 -6.71 35.72 1.84
C ASP A 108 -7.05 34.25 2.00
N MET A 109 -8.08 33.95 2.77
CA MET A 109 -8.45 32.57 3.05
C MET A 109 -9.97 32.33 3.07
N LEU A 110 -10.38 31.27 2.38
CA LEU A 110 -11.78 30.86 2.33
C LEU A 110 -11.93 29.48 2.95
N ILE A 111 -12.71 29.40 4.04
CA ILE A 111 -12.85 28.14 4.76
C ILE A 111 -14.24 27.49 4.57
N LEU A 112 -14.35 26.58 3.61
CA LEU A 112 -15.62 25.93 3.29
C LEU A 112 -15.92 24.85 4.32
N ASN A 113 -16.98 25.00 5.08
CA ASN A 113 -17.15 24.17 6.28
C ASN A 113 -18.60 23.70 6.52
N HIS A 114 -19.56 24.44 6.00
CA HIS A 114 -20.96 24.17 6.29
C HIS A 114 -21.44 22.85 5.66
N ILE A 115 -22.49 22.26 6.24
CA ILE A 115 -23.17 21.11 5.65
C ILE A 115 -24.69 21.19 5.89
N THR A 116 -25.46 20.43 5.11
CA THR A 116 -26.90 20.39 5.30
C THR A 116 -27.22 19.46 6.46
N ASN A 117 -28.32 19.73 7.15
CA ASN A 117 -28.63 18.91 8.31
C ASN A 117 -28.63 17.43 7.92
N THR A 118 -27.86 16.64 8.65
CA THR A 118 -27.71 15.23 8.36
C THR A 118 -27.86 14.41 9.63
N SER A 119 -28.43 13.22 9.49
CA SER A 119 -28.53 12.30 10.61
C SER A 119 -28.08 10.90 10.19
N LEU A 120 -28.05 9.98 11.15
CA LEU A 120 -27.63 8.61 10.89
C LEU A 120 -28.81 7.71 10.58
N ASN A 121 -28.92 7.30 9.31
CA ASN A 121 -29.97 6.35 8.93
C ASN A 121 -29.57 5.56 7.70
N LEU A 122 -30.21 4.42 7.52
CA LEU A 122 -29.99 3.64 6.32
C LEU A 122 -30.64 4.34 5.12
N PHE A 123 -29.96 4.33 3.98
CA PHE A 123 -30.58 4.84 2.78
C PHE A 123 -31.87 4.07 2.59
N HIS A 124 -32.95 4.81 2.34
CA HIS A 124 -34.28 4.23 2.29
C HIS A 124 -35.10 4.83 1.15
N ASP A 125 -34.45 5.06 0.02
CA ASP A 125 -35.12 5.66 -1.15
C ASP A 125 -35.23 7.19 -1.08
N ASP A 126 -34.62 7.81 -0.08
CA ASP A 126 -34.76 9.27 0.06
C ASP A 126 -33.78 10.00 -0.87
N ILE A 127 -34.11 10.04 -2.16
CA ILE A 127 -33.29 10.73 -3.15
C ILE A 127 -33.21 12.25 -2.89
N HIS A 128 -34.26 12.83 -2.30
CA HIS A 128 -34.24 14.27 -2.00
C HIS A 128 -33.05 14.60 -1.10
N HIS A 129 -32.84 13.78 -0.08
CA HIS A 129 -31.73 14.03 0.84
C HIS A 129 -30.37 13.91 0.15
N VAL A 130 -30.25 12.93 -0.75
CA VAL A 130 -29.02 12.72 -1.49
C VAL A 130 -28.71 13.92 -2.38
N ARG A 131 -29.73 14.50 -3.00
CA ARG A 131 -29.54 15.67 -3.86
C ARG A 131 -29.26 16.94 -3.06
N LYS A 132 -30.03 17.16 -2.00
CA LYS A 132 -29.75 18.33 -1.16
C LYS A 132 -28.31 18.26 -0.65
N SER A 133 -27.85 17.08 -0.27
CA SER A 133 -26.50 16.92 0.23
C SER A 133 -25.47 17.26 -0.83
N MET A 134 -25.67 16.79 -2.06
CA MET A 134 -24.78 17.20 -3.15
C MET A 134 -24.81 18.73 -3.31
N GLU A 135 -26.01 19.31 -3.29
CA GLU A 135 -26.22 20.76 -3.46
C GLU A 135 -25.49 21.60 -2.41
N VAL A 136 -25.74 21.30 -1.13
CA VAL A 136 -25.18 22.09 -0.04
C VAL A 136 -23.73 21.71 0.27
N ASN A 137 -23.52 20.42 0.52
CA ASN A 137 -22.21 19.91 0.92
C ASN A 137 -21.16 20.02 -0.16
N PHE A 138 -21.56 19.78 -1.41
CA PHE A 138 -20.55 19.75 -2.48
C PHE A 138 -20.64 20.95 -3.42
N LEU A 139 -21.78 21.10 -4.11
CA LEU A 139 -21.89 22.11 -5.18
C LEU A 139 -21.78 23.58 -4.76
N SER A 140 -22.36 23.93 -3.62
CA SER A 140 -22.20 25.28 -3.10
C SER A 140 -20.72 25.61 -2.80
N TYR A 141 -19.95 24.59 -2.44
CA TYR A 141 -18.52 24.79 -2.17
C TYR A 141 -17.84 25.23 -3.45
N VAL A 142 -18.26 24.67 -4.57
CA VAL A 142 -17.72 25.05 -5.88
C VAL A 142 -18.10 26.48 -6.29
N VAL A 143 -19.37 26.85 -6.10
CA VAL A 143 -19.83 28.18 -6.44
C VAL A 143 -19.09 29.23 -5.62
N LEU A 144 -18.93 28.94 -4.32
CA LEU A 144 -18.19 29.80 -3.41
C LEU A 144 -16.76 29.98 -3.88
N THR A 145 -16.16 28.89 -4.35
CA THR A 145 -14.79 28.90 -4.85
C THR A 145 -14.65 29.73 -6.11
N VAL A 146 -15.50 29.47 -7.10
CA VAL A 146 -15.51 30.27 -8.32
C VAL A 146 -15.61 31.75 -8.00
N ALA A 147 -16.55 32.10 -7.12
CA ALA A 147 -16.74 33.49 -6.69
C ALA A 147 -15.48 34.11 -6.05
N ALA A 148 -14.70 33.28 -5.36
CA ALA A 148 -13.60 33.79 -4.53
C ALA A 148 -12.26 33.72 -5.22
N LEU A 149 -12.19 32.96 -6.31
CA LEU A 149 -10.92 32.69 -6.98
C LEU A 149 -10.14 33.95 -7.40
N PRO A 150 -10.82 34.95 -7.97
CA PRO A 150 -10.12 36.19 -8.37
C PRO A 150 -9.47 36.91 -7.19
N MET A 151 -10.18 37.00 -6.06
CA MET A 151 -9.61 37.64 -4.89
C MET A 151 -8.42 36.87 -4.33
N LEU A 152 -8.51 35.54 -4.34
CA LEU A 152 -7.43 34.70 -3.84
C LEU A 152 -6.22 34.71 -4.75
N LYS A 153 -6.44 34.63 -6.06
CA LYS A 153 -5.33 34.77 -7.00
C LYS A 153 -4.55 36.06 -6.67
N GLN A 154 -5.30 37.12 -6.38
CA GLN A 154 -4.74 38.44 -6.09
C GLN A 154 -3.88 38.44 -4.80
N SER A 155 -4.26 37.62 -3.84
CA SER A 155 -3.64 37.64 -2.53
C SER A 155 -2.80 36.39 -2.31
N ASN A 156 -2.71 35.57 -3.36
CA ASN A 156 -2.12 34.24 -3.28
C ASN A 156 -2.62 33.54 -2.02
N GLY A 157 -3.94 33.55 -1.85
CA GLY A 157 -4.56 33.01 -0.65
C GLY A 157 -4.75 31.51 -0.65
N SER A 158 -5.84 31.04 -0.05
CA SER A 158 -6.05 29.61 0.17
C SER A 158 -7.51 29.21 0.32
N ILE A 159 -7.81 27.99 -0.11
CA ILE A 159 -9.13 27.40 0.05
C ILE A 159 -8.98 26.22 0.99
N VAL A 160 -9.86 26.13 1.97
CA VAL A 160 -9.81 25.02 2.93
C VAL A 160 -11.16 24.32 2.92
N VAL A 161 -11.14 23.02 2.66
CA VAL A 161 -12.37 22.26 2.57
C VAL A 161 -12.49 21.29 3.75
N VAL A 162 -13.59 21.35 4.49
CA VAL A 162 -13.70 20.49 5.65
C VAL A 162 -14.44 19.21 5.26
N SER A 163 -13.74 18.09 5.36
CA SER A 163 -14.30 16.81 4.96
C SER A 163 -14.28 15.86 6.14
N SER A 164 -14.45 14.56 5.86
CA SER A 164 -14.58 13.59 6.93
C SER A 164 -14.00 12.23 6.55
N LEU A 165 -13.91 11.37 7.55
CA LEU A 165 -13.52 9.99 7.31
C LEU A 165 -14.45 9.35 6.26
N ALA A 166 -15.73 9.68 6.30
CA ALA A 166 -16.67 9.13 5.33
C ALA A 166 -16.40 9.68 3.93
N GLY A 167 -15.52 10.67 3.86
CA GLY A 167 -15.12 11.24 2.58
C GLY A 167 -13.87 10.59 2.04
N LYS A 168 -13.45 9.50 2.69
CA LYS A 168 -12.22 8.79 2.37
C LYS A 168 -12.46 7.28 2.39
N VAL A 169 -13.43 6.85 3.18
CA VAL A 169 -13.72 5.44 3.36
C VAL A 169 -15.23 5.21 3.44
N ALA A 170 -15.66 3.97 3.25
CA ALA A 170 -17.10 3.67 3.23
C ALA A 170 -17.65 3.25 4.59
N TYR A 171 -18.69 3.95 5.04
CA TYR A 171 -19.41 3.58 6.25
C TYR A 171 -20.90 3.49 5.95
N PRO A 172 -21.60 2.60 6.66
CA PRO A 172 -23.06 2.47 6.54
C PRO A 172 -23.78 3.57 7.33
N MET A 173 -25.00 3.89 6.91
CA MET A 173 -25.83 4.91 7.56
C MET A 173 -25.47 6.38 7.22
N VAL A 174 -24.48 6.57 6.34
CA VAL A 174 -24.08 7.92 5.91
C VAL A 174 -23.93 8.04 4.38
N ALA A 175 -24.79 7.36 3.63
CA ALA A 175 -24.59 7.27 2.17
C ALA A 175 -24.57 8.63 1.45
N ALA A 176 -25.66 9.41 1.52
CA ALA A 176 -25.70 10.75 0.90
C ALA A 176 -24.52 11.61 1.31
N TYR A 177 -24.26 11.64 2.61
CA TYR A 177 -23.17 12.42 3.18
C TYR A 177 -21.80 12.05 2.59
N SER A 178 -21.50 10.75 2.59
CA SER A 178 -20.21 10.26 2.08
C SER A 178 -20.06 10.63 0.62
N ALA A 179 -21.17 10.53 -0.10
CA ALA A 179 -21.16 10.81 -1.52
C ALA A 179 -20.66 12.24 -1.71
N SER A 180 -21.27 13.16 -0.96
CA SER A 180 -20.97 14.57 -1.14
C SER A 180 -19.53 14.86 -0.73
N LYS A 181 -19.06 14.25 0.35
CA LYS A 181 -17.68 14.47 0.81
C LYS A 181 -16.63 13.84 -0.13
N PHE A 182 -16.95 12.66 -0.68
CA PHE A 182 -16.09 12.06 -1.70
C PHE A 182 -16.02 13.00 -2.89
N ALA A 183 -17.19 13.49 -3.30
CA ALA A 183 -17.26 14.47 -4.36
C ALA A 183 -16.23 15.59 -4.12
N LEU A 184 -16.17 16.13 -2.90
CA LEU A 184 -15.24 17.23 -2.60
C LEU A 184 -13.80 16.83 -2.89
N ASP A 185 -13.42 15.64 -2.46
CA ASP A 185 -12.06 15.15 -2.66
C ASP A 185 -11.71 15.06 -4.15
N GLY A 186 -12.57 14.42 -4.93
CA GLY A 186 -12.34 14.25 -6.35
C GLY A 186 -12.32 15.58 -7.08
N PHE A 187 -13.23 16.48 -6.73
CA PHE A 187 -13.25 17.77 -7.41
C PHE A 187 -12.05 18.63 -7.01
N PHE A 188 -11.91 18.89 -5.72
CA PHE A 188 -10.87 19.80 -5.24
C PHE A 188 -9.42 19.31 -5.39
N SER A 189 -9.21 18.00 -5.39
CA SER A 189 -7.88 17.46 -5.67
C SER A 189 -7.58 17.62 -7.16
N SER A 190 -8.59 17.39 -7.98
CA SER A 190 -8.42 17.59 -9.42
C SER A 190 -8.02 19.03 -9.72
N ILE A 191 -8.79 19.99 -9.20
CA ILE A 191 -8.44 21.38 -9.48
C ILE A 191 -7.08 21.74 -8.86
N ARG A 192 -6.71 21.11 -7.75
CA ARG A 192 -5.41 21.37 -7.13
C ARG A 192 -4.29 21.04 -8.11
N LYS A 193 -4.39 19.89 -8.78
CA LYS A 193 -3.43 19.57 -9.84
C LYS A 193 -3.39 20.68 -10.88
N GLU A 194 -4.57 21.10 -11.35
CA GLU A 194 -4.70 22.14 -12.36
C GLU A 194 -3.97 23.45 -12.03
N TYR A 195 -3.97 23.84 -10.75
CA TYR A 195 -3.36 25.11 -10.36
C TYR A 195 -1.85 25.02 -10.34
N SER A 196 -1.35 23.88 -9.89
CA SER A 196 0.08 23.63 -10.00
C SER A 196 0.52 24.02 -11.39
N VAL A 197 -0.13 23.43 -12.38
CA VAL A 197 0.30 23.49 -13.76
C VAL A 197 -0.03 24.79 -14.47
N SER A 198 -1.12 25.45 -14.08
CA SER A 198 -1.44 26.75 -14.65
C SER A 198 -0.88 27.83 -13.74
N ARG A 199 0.07 27.44 -12.89
CA ARG A 199 0.77 28.35 -11.98
C ARG A 199 -0.14 29.33 -11.25
N VAL A 200 -1.30 28.86 -10.80
CA VAL A 200 -2.18 29.64 -9.94
C VAL A 200 -1.76 29.45 -8.48
N ASN A 201 -1.34 30.51 -7.81
CA ASN A 201 -0.78 30.39 -6.46
C ASN A 201 -1.83 30.44 -5.34
N VAL A 202 -2.79 29.53 -5.41
CA VAL A 202 -3.85 29.44 -4.40
C VAL A 202 -3.85 28.03 -3.84
N SER A 203 -3.47 27.89 -2.57
CA SER A 203 -3.33 26.58 -1.94
C SER A 203 -4.70 25.95 -1.70
N ILE A 204 -4.75 24.62 -1.76
CA ILE A 204 -5.98 23.91 -1.43
C ILE A 204 -5.72 22.89 -0.34
N THR A 205 -6.52 22.95 0.73
CA THR A 205 -6.34 22.04 1.85
C THR A 205 -7.61 21.28 2.13
N LEU A 206 -7.53 19.96 2.07
CA LEU A 206 -8.65 19.11 2.44
C LEU A 206 -8.38 18.61 3.86
N CYS A 207 -9.37 18.71 4.72
CA CYS A 207 -9.21 18.29 6.11
C CYS A 207 -10.12 17.10 6.34
N VAL A 208 -9.52 15.98 6.68
CA VAL A 208 -10.26 14.74 6.86
C VAL A 208 -10.44 14.51 8.36
N LEU A 209 -11.62 14.84 8.87
CA LEU A 209 -11.84 14.78 10.31
C LEU A 209 -12.66 13.57 10.72
N GLY A 210 -12.19 12.85 11.74
CA GLY A 210 -12.97 11.76 12.32
C GLY A 210 -14.07 12.38 13.15
N LEU A 211 -14.59 11.64 14.13
CA LEU A 211 -15.66 12.19 14.95
C LEU A 211 -15.16 13.35 15.82
N ILE A 212 -15.98 14.40 15.90
CA ILE A 212 -15.64 15.55 16.73
C ILE A 212 -16.83 15.84 17.65
N ASP A 213 -16.54 16.36 18.84
CA ASP A 213 -17.55 16.54 19.88
C ASP A 213 -18.44 17.76 19.67
N THR A 214 -18.83 18.03 18.43
CA THR A 214 -19.80 19.09 18.19
C THR A 214 -21.16 18.60 18.66
N GLU A 215 -21.93 19.51 19.22
CA GLU A 215 -23.26 19.21 19.68
C GLU A 215 -24.05 18.38 18.64
N THR A 216 -23.91 18.74 17.37
CA THR A 216 -24.69 18.10 16.31
C THR A 216 -24.18 16.71 15.95
N ALA A 217 -22.85 16.55 15.91
CA ALA A 217 -22.26 15.23 15.70
C ALA A 217 -22.67 14.31 16.85
N MET A 218 -22.51 14.80 18.08
CA MET A 218 -22.81 14.05 19.30
C MET A 218 -24.26 13.62 19.44
N LYS A 219 -25.17 14.45 18.96
CA LYS A 219 -26.60 14.14 19.00
C LYS A 219 -26.96 13.13 17.93
N ALA A 220 -26.19 13.13 16.85
CA ALA A 220 -26.46 12.26 15.72
C ALA A 220 -25.91 10.87 16.01
N VAL A 221 -24.69 10.83 16.54
CA VAL A 221 -23.98 9.58 16.79
C VAL A 221 -24.25 9.03 18.19
N SER A 222 -25.51 8.69 18.46
CA SER A 222 -25.90 8.15 19.76
C SER A 222 -27.42 8.08 19.89
N GLY A 223 -27.89 7.13 20.71
CA GLY A 223 -27.00 6.22 21.41
C GLY A 223 -26.68 4.99 20.60
N ILE A 224 -26.76 5.10 19.27
CA ILE A 224 -26.50 3.98 18.36
C ILE A 224 -25.18 3.29 18.71
N VAL A 225 -24.08 4.00 18.48
CA VAL A 225 -22.76 3.54 18.88
C VAL A 225 -22.03 4.71 19.49
N HIS A 226 -20.70 4.68 19.46
CA HIS A 226 -19.88 5.78 19.93
C HIS A 226 -18.41 5.39 20.07
N MET A 227 -17.54 6.19 19.47
CA MET A 227 -16.11 6.09 19.71
C MET A 227 -15.66 7.38 20.38
N GLN A 228 -14.35 7.54 20.53
CA GLN A 228 -13.81 8.75 21.15
C GLN A 228 -13.94 9.99 20.27
N ALA A 229 -14.61 11.01 20.79
CA ALA A 229 -14.76 12.25 20.06
C ALA A 229 -13.62 13.20 20.40
N ALA A 230 -12.86 13.62 19.39
CA ALA A 230 -11.82 14.62 19.60
C ALA A 230 -12.48 15.96 19.89
N PRO A 231 -11.73 16.92 20.46
CA PRO A 231 -12.38 18.18 20.81
C PRO A 231 -12.37 19.20 19.67
N LYS A 232 -13.49 19.91 19.54
CA LYS A 232 -13.73 20.79 18.39
C LYS A 232 -12.85 22.03 18.39
N GLU A 233 -12.39 22.42 19.57
CA GLU A 233 -11.49 23.56 19.67
C GLU A 233 -10.12 23.19 19.11
N GLU A 234 -9.67 21.98 19.42
CA GLU A 234 -8.43 21.45 18.84
C GLU A 234 -8.58 21.34 17.34
N CYS A 235 -9.60 20.58 16.94
CA CYS A 235 -9.92 20.36 15.53
C CYS A 235 -9.91 21.66 14.76
N ALA A 236 -10.66 22.65 15.25
CA ALA A 236 -10.76 23.94 14.58
C ALA A 236 -9.37 24.49 14.31
N LEU A 237 -8.52 24.49 15.33
CA LEU A 237 -7.19 25.07 15.21
C LEU A 237 -6.30 24.30 14.23
N GLU A 238 -6.39 22.98 14.26
CA GLU A 238 -5.57 22.18 13.35
C GLU A 238 -5.96 22.49 11.90
N ILE A 239 -7.25 22.69 11.68
CA ILE A 239 -7.76 23.06 10.37
C ILE A 239 -7.16 24.38 9.91
N ILE A 240 -7.21 25.40 10.77
CA ILE A 240 -6.60 26.69 10.46
C ILE A 240 -5.10 26.57 10.20
N LYS A 241 -4.41 25.78 11.03
CA LYS A 241 -2.98 25.54 10.86
C LYS A 241 -2.69 24.89 9.52
N GLY A 242 -3.37 23.78 9.26
CA GLY A 242 -3.23 23.10 7.98
C GLY A 242 -3.29 24.11 6.85
N GLY A 243 -4.24 25.04 6.93
CA GLY A 243 -4.44 26.04 5.90
C GLY A 243 -3.37 27.13 5.87
N ALA A 244 -2.98 27.62 7.03
CA ALA A 244 -1.92 28.63 7.10
C ALA A 244 -0.71 28.07 6.38
N LEU A 245 -0.37 26.83 6.71
CA LEU A 245 0.85 26.19 6.18
C LEU A 245 0.69 25.60 4.78
N ARG A 246 -0.45 25.87 4.14
CA ARG A 246 -0.68 25.47 2.74
C ARG A 246 -0.53 23.97 2.43
N GLN A 247 -0.77 23.11 3.43
CA GLN A 247 -0.66 21.66 3.22
C GLN A 247 -1.83 21.14 2.39
N GLU A 248 -1.60 20.08 1.62
CA GLU A 248 -2.63 19.53 0.75
C GLU A 248 -3.73 18.79 1.51
N GLU A 249 -3.34 18.01 2.52
CA GLU A 249 -4.33 17.36 3.38
C GLU A 249 -4.00 17.55 4.86
N VAL A 250 -5.04 17.61 5.67
CA VAL A 250 -4.89 17.69 7.13
C VAL A 250 -5.73 16.57 7.69
N TYR A 251 -5.15 15.74 8.54
CA TYR A 251 -5.94 14.68 9.18
C TYR A 251 -6.11 15.03 10.64
N TYR A 252 -7.31 14.78 11.16
CA TYR A 252 -7.54 14.98 12.59
C TYR A 252 -8.55 13.99 13.15
N ASP A 253 -8.07 13.10 14.02
CA ASP A 253 -8.91 12.11 14.69
C ASP A 253 -8.50 11.92 16.16
N SER A 254 -9.36 11.28 16.95
CA SER A 254 -8.99 10.94 18.32
C SER A 254 -7.82 9.96 18.34
N SER A 255 -7.88 8.95 17.48
CA SER A 255 -6.86 7.90 17.45
C SER A 255 -5.74 8.17 16.44
N LEU A 256 -4.49 8.04 16.90
CA LEU A 256 -3.33 8.24 16.03
C LEU A 256 -3.18 7.08 15.06
N TRP A 257 -3.73 5.93 15.44
CA TRP A 257 -3.75 4.76 14.57
C TRP A 257 -4.70 5.02 13.41
N THR A 258 -5.78 5.75 13.68
CA THR A 258 -6.70 6.14 12.63
C THR A 258 -6.00 7.13 11.68
N THR A 259 -5.42 8.19 12.22
CA THR A 259 -4.72 9.16 11.38
C THR A 259 -3.65 8.49 10.51
N LEU A 260 -2.92 7.53 11.08
CA LEU A 260 -1.94 6.78 10.32
C LEU A 260 -2.52 6.14 9.06
N LEU A 261 -3.73 5.59 9.19
CA LEU A 261 -4.33 4.81 8.12
C LEU A 261 -5.02 5.64 7.03
N ILE A 262 -5.19 6.94 7.27
CA ILE A 262 -5.91 7.78 6.32
C ILE A 262 -5.09 8.04 5.07
N ARG A 263 -3.81 8.31 5.24
CA ARG A 263 -2.93 8.60 4.12
C ARG A 263 -3.01 7.46 3.09
N ASN A 264 -2.82 7.82 1.81
CA ASN A 264 -2.89 6.84 0.72
C ASN A 264 -1.71 7.02 -0.23
N PRO A 265 -0.63 6.25 -0.02
CA PRO A 265 0.58 6.33 -0.85
C PRO A 265 0.39 5.75 -2.25
N SER A 266 -0.47 4.74 -2.42
CA SER A 266 -0.68 4.21 -3.75
C SER A 266 -1.19 5.32 -4.66
N ARG A 267 -2.17 6.08 -4.17
CA ARG A 267 -2.73 7.20 -4.89
C ARG A 267 -1.67 8.26 -5.21
N LYS A 268 -0.86 8.61 -4.21
CA LYS A 268 0.20 9.59 -4.42
C LYS A 268 1.11 9.17 -5.58
N ILE A 269 1.31 7.87 -5.73
CA ILE A 269 2.17 7.34 -6.79
C ILE A 269 1.49 7.33 -8.16
N LEU A 270 0.24 6.88 -8.20
CA LEU A 270 -0.54 6.87 -9.45
C LEU A 270 -0.72 8.27 -10.03
N GLU A 271 -0.73 9.27 -9.15
CA GLU A 271 -0.89 10.65 -9.56
C GLU A 271 0.44 11.23 -10.00
N PHE A 272 1.50 10.77 -9.34
CA PHE A 272 2.86 11.20 -9.67
C PHE A 272 3.31 10.57 -10.98
N LEU A 273 3.02 9.28 -11.13
CA LEU A 273 3.34 8.54 -12.34
C LEU A 273 2.66 9.16 -13.57
N TYR A 274 1.35 9.32 -13.48
CA TYR A 274 0.57 9.85 -14.59
C TYR A 274 0.65 11.38 -14.64
N SER A 275 1.58 11.96 -13.89
CA SER A 275 1.78 13.40 -13.87
C SER A 275 2.39 13.86 -15.18
N THR A 276 3.43 13.17 -15.62
CA THR A 276 3.98 13.39 -16.96
C THR A 276 3.30 12.39 -17.90
N SER A 277 2.07 12.69 -18.31
CA SER A 277 1.29 11.67 -19.01
C SER A 277 0.26 12.06 -20.07
N TYR A 278 0.41 13.19 -20.77
CA TYR A 278 1.42 14.21 -20.54
C TYR A 278 0.74 15.56 -20.73
N ASN A 279 1.16 16.32 -21.75
CA ASN A 279 0.55 17.61 -22.04
C ASN A 279 0.37 17.88 -23.52
N PRO B 16 -18.57 -12.86 -2.65
CA PRO B 16 -18.22 -13.14 -4.05
C PRO B 16 -18.23 -14.63 -4.37
N LEU B 17 -18.52 -14.97 -5.62
CA LEU B 17 -18.62 -16.36 -6.06
C LEU B 17 -17.24 -17.02 -6.24
N ASN B 18 -16.72 -17.63 -5.17
CA ASN B 18 -15.48 -18.38 -5.26
C ASN B 18 -15.61 -19.45 -6.35
N GLU B 19 -15.29 -19.05 -7.58
CA GLU B 19 -15.60 -19.85 -8.76
C GLU B 19 -15.02 -19.21 -10.02
N GLU B 20 -14.89 -20.01 -11.08
CA GLU B 20 -14.35 -19.55 -12.34
C GLU B 20 -15.48 -19.08 -13.25
N PHE B 21 -15.31 -17.93 -13.90
CA PHE B 21 -16.38 -17.41 -14.74
C PHE B 21 -16.76 -18.37 -15.86
N ARG B 22 -18.06 -18.60 -15.99
CA ARG B 22 -18.62 -19.34 -17.12
C ARG B 22 -19.62 -18.47 -17.86
N PRO B 23 -19.51 -18.43 -19.19
CA PRO B 23 -20.43 -17.69 -20.05
C PRO B 23 -21.89 -18.05 -19.78
N GLU B 24 -22.14 -19.24 -19.27
CA GLU B 24 -23.50 -19.71 -19.03
C GLU B 24 -24.09 -19.09 -17.76
N MET B 25 -23.23 -18.47 -16.95
CA MET B 25 -23.70 -17.72 -15.80
C MET B 25 -24.71 -16.68 -16.26
N LEU B 26 -24.51 -16.15 -17.46
CA LEU B 26 -25.34 -15.08 -17.99
C LEU B 26 -26.48 -15.54 -18.90
N GLN B 27 -26.58 -16.84 -19.13
CA GLN B 27 -27.65 -17.37 -19.94
C GLN B 27 -29.01 -17.18 -19.28
N GLY B 28 -29.95 -16.63 -20.05
CA GLY B 28 -31.29 -16.39 -19.56
C GLY B 28 -31.36 -15.30 -18.50
N LYS B 29 -30.24 -14.62 -18.25
CA LYS B 29 -30.23 -13.54 -17.27
C LYS B 29 -30.92 -12.30 -17.81
N LYS B 30 -31.75 -11.68 -16.98
CA LYS B 30 -32.47 -10.47 -17.37
C LYS B 30 -31.67 -9.23 -16.96
N VAL B 31 -31.12 -8.54 -17.95
CA VAL B 31 -30.09 -7.55 -17.72
C VAL B 31 -30.42 -6.20 -18.36
N ILE B 32 -30.20 -5.12 -17.61
CA ILE B 32 -30.26 -3.77 -18.18
C ILE B 32 -28.85 -3.23 -18.36
N VAL B 33 -28.61 -2.55 -19.48
CA VAL B 33 -27.33 -1.88 -19.71
C VAL B 33 -27.59 -0.43 -20.13
N THR B 34 -27.17 0.55 -19.33
CA THR B 34 -27.41 1.96 -19.66
C THR B 34 -26.28 2.53 -20.53
N GLY B 35 -26.46 3.73 -21.07
CA GLY B 35 -25.50 4.26 -22.03
C GLY B 35 -24.95 3.18 -22.95
N ALA B 36 -25.86 2.50 -23.65
CA ALA B 36 -25.50 1.33 -24.45
C ALA B 36 -25.58 1.58 -25.96
N SER B 37 -25.52 2.83 -26.38
CA SER B 37 -25.57 3.15 -27.81
C SER B 37 -24.19 3.18 -28.45
N LYS B 38 -23.15 3.14 -27.62
CA LYS B 38 -21.77 3.07 -28.14
C LYS B 38 -20.77 2.62 -27.07
N GLY B 39 -19.48 2.70 -27.41
CA GLY B 39 -18.43 2.37 -26.48
C GLY B 39 -18.67 1.12 -25.65
N ILE B 40 -18.27 1.17 -24.38
CA ILE B 40 -18.33 0.00 -23.52
C ILE B 40 -19.75 -0.52 -23.31
N GLY B 41 -20.72 0.39 -23.31
CA GLY B 41 -22.12 -0.02 -23.20
C GLY B 41 -22.55 -0.96 -24.33
N ARG B 42 -22.25 -0.56 -25.55
CA ARG B 42 -22.55 -1.39 -26.70
C ARG B 42 -21.89 -2.77 -26.54
N GLU B 43 -20.57 -2.78 -26.37
CA GLU B 43 -19.80 -4.01 -26.25
C GLU B 43 -20.30 -4.97 -25.16
N MET B 44 -20.72 -4.41 -24.04
CA MET B 44 -21.32 -5.20 -22.97
C MET B 44 -22.60 -5.87 -23.48
N ALA B 45 -23.43 -5.09 -24.16
CA ALA B 45 -24.69 -5.59 -24.68
C ALA B 45 -24.46 -6.75 -25.63
N TYR B 46 -23.51 -6.60 -26.54
CA TYR B 46 -23.15 -7.68 -27.45
C TYR B 46 -22.69 -8.93 -26.71
N HIS B 47 -21.70 -8.78 -25.83
CA HIS B 47 -21.26 -9.91 -25.02
C HIS B 47 -22.48 -10.57 -24.38
N LEU B 48 -23.29 -9.76 -23.72
CA LEU B 48 -24.49 -10.24 -23.05
C LEU B 48 -25.44 -10.99 -23.99
N ALA B 49 -25.47 -10.58 -25.26
CA ALA B 49 -26.31 -11.25 -26.24
C ALA B 49 -25.75 -12.62 -26.62
N LYS B 50 -24.44 -12.68 -26.87
CA LYS B 50 -23.81 -13.95 -27.23
C LYS B 50 -23.99 -15.02 -26.15
N MET B 51 -24.17 -14.58 -24.89
CA MET B 51 -24.31 -15.50 -23.77
C MET B 51 -25.77 -15.84 -23.53
N GLY B 52 -26.63 -15.34 -24.42
CA GLY B 52 -28.05 -15.66 -24.37
C GLY B 52 -28.83 -14.90 -23.33
N ALA B 53 -28.35 -13.71 -22.97
CA ALA B 53 -29.06 -12.87 -22.00
C ALA B 53 -30.30 -12.23 -22.59
N HIS B 54 -31.26 -11.89 -21.75
CA HIS B 54 -32.26 -10.93 -22.14
C HIS B 54 -31.60 -9.58 -21.88
N VAL B 55 -31.55 -8.73 -22.89
CA VAL B 55 -30.93 -7.42 -22.74
C VAL B 55 -31.95 -6.32 -23.01
N VAL B 56 -32.04 -5.33 -22.12
CA VAL B 56 -32.72 -4.10 -22.44
C VAL B 56 -31.65 -3.04 -22.35
N VAL B 57 -31.54 -2.21 -23.40
CA VAL B 57 -30.54 -1.16 -23.43
C VAL B 57 -31.22 0.21 -23.45
N THR B 58 -30.53 1.22 -22.95
CA THR B 58 -30.97 2.61 -23.06
C THR B 58 -29.83 3.58 -23.40
N ALA B 59 -30.23 4.80 -23.78
CA ALA B 59 -29.33 5.87 -24.18
C ALA B 59 -30.26 6.97 -24.66
N ARG B 60 -29.76 7.96 -25.39
CA ARG B 60 -30.64 9.00 -25.90
C ARG B 60 -31.04 8.79 -27.37
N SER B 61 -30.07 8.44 -28.20
CA SER B 61 -30.31 8.20 -29.64
C SER B 61 -30.97 6.86 -29.95
N LYS B 62 -32.25 6.91 -30.32
CA LYS B 62 -33.02 5.72 -30.67
C LYS B 62 -32.45 5.04 -31.91
N GLU B 63 -31.92 5.86 -32.82
CA GLU B 63 -31.38 5.36 -34.07
C GLU B 63 -30.22 4.38 -33.80
N THR B 64 -29.17 4.87 -33.15
CA THR B 64 -28.02 4.04 -32.81
C THR B 64 -28.41 2.88 -31.89
N LEU B 65 -29.42 3.11 -31.04
CA LEU B 65 -29.88 2.05 -30.13
C LEU B 65 -30.48 0.86 -30.89
N GLN B 66 -31.35 1.15 -31.85
CA GLN B 66 -32.00 0.12 -32.64
C GLN B 66 -30.98 -0.76 -33.35
N LYS B 67 -29.99 -0.12 -33.98
CA LYS B 67 -28.91 -0.81 -34.66
C LYS B 67 -28.24 -1.84 -33.76
N VAL B 68 -28.02 -1.44 -32.51
CA VAL B 68 -27.41 -2.30 -31.51
C VAL B 68 -28.33 -3.49 -31.20
N VAL B 69 -29.62 -3.20 -31.08
CA VAL B 69 -30.64 -4.22 -30.81
C VAL B 69 -30.71 -5.23 -31.95
N SER B 70 -30.48 -4.76 -33.18
CA SER B 70 -30.42 -5.67 -34.29
C SER B 70 -29.28 -6.65 -34.07
N HIS B 71 -28.09 -6.12 -33.83
CA HIS B 71 -26.89 -6.94 -33.74
C HIS B 71 -27.00 -7.95 -32.59
N CYS B 72 -27.74 -7.58 -31.55
CA CYS B 72 -27.93 -8.42 -30.36
C CYS B 72 -28.81 -9.64 -30.63
N LEU B 73 -29.93 -9.45 -31.32
CA LEU B 73 -30.86 -10.54 -31.62
C LEU B 73 -30.19 -11.66 -32.43
N GLU B 74 -29.43 -11.27 -33.45
CA GLU B 74 -28.61 -12.21 -34.21
C GLU B 74 -27.67 -13.00 -33.33
N LEU B 75 -26.91 -12.30 -32.50
CA LEU B 75 -25.88 -12.93 -31.68
C LEU B 75 -26.44 -14.04 -30.80
N GLY B 76 -27.75 -14.04 -30.61
CA GLY B 76 -28.40 -15.12 -29.86
C GLY B 76 -29.03 -14.65 -28.56
N ALA B 77 -29.35 -13.37 -28.47
CA ALA B 77 -29.91 -12.81 -27.26
C ALA B 77 -31.31 -13.37 -27.01
N ALA B 78 -31.53 -13.95 -25.83
CA ALA B 78 -32.82 -14.55 -25.49
C ALA B 78 -33.95 -13.56 -25.72
N SER B 79 -33.59 -12.28 -25.64
CA SER B 79 -34.49 -11.16 -25.92
C SER B 79 -33.66 -9.89 -25.89
N ALA B 80 -33.99 -8.94 -26.75
CA ALA B 80 -33.29 -7.67 -26.79
C ALA B 80 -34.30 -6.57 -27.08
N HIS B 81 -34.26 -5.51 -26.28
CA HIS B 81 -35.17 -4.37 -26.43
C HIS B 81 -34.41 -3.08 -26.19
N TYR B 82 -34.99 -1.97 -26.61
CA TYR B 82 -34.38 -0.67 -26.33
C TYR B 82 -35.44 0.32 -25.84
N ILE B 83 -35.02 1.31 -25.07
CA ILE B 83 -35.90 2.41 -24.67
C ILE B 83 -35.02 3.64 -24.71
N ALA B 84 -35.47 4.72 -25.34
CA ALA B 84 -34.63 5.89 -25.49
C ALA B 84 -35.11 7.04 -24.62
N GLY B 85 -34.16 7.82 -24.12
CA GLY B 85 -34.47 8.95 -23.27
C GLY B 85 -33.20 9.47 -22.64
N THR B 86 -33.31 10.55 -21.88
CA THR B 86 -32.13 11.16 -21.26
C THR B 86 -32.16 10.99 -19.75
N MET B 87 -31.03 10.62 -19.16
CA MET B 87 -30.98 10.41 -17.72
C MET B 87 -30.83 11.73 -16.97
N GLU B 88 -30.79 12.84 -17.70
CA GLU B 88 -30.95 14.17 -17.10
C GLU B 88 -32.34 14.27 -16.46
N ASP B 89 -33.29 13.55 -17.05
CA ASP B 89 -34.67 13.52 -16.54
C ASP B 89 -34.87 12.33 -15.62
N MET B 90 -34.96 12.60 -14.32
CA MET B 90 -35.04 11.55 -13.31
C MET B 90 -36.36 10.77 -13.38
N THR B 91 -37.39 11.41 -13.91
CA THR B 91 -38.67 10.75 -14.07
C THR B 91 -38.56 9.69 -15.14
N PHE B 92 -37.72 9.96 -16.14
CA PHE B 92 -37.45 8.97 -17.16
C PHE B 92 -36.61 7.85 -16.56
N ALA B 93 -35.67 8.23 -15.72
CA ALA B 93 -34.77 7.28 -15.09
C ALA B 93 -35.63 6.21 -14.41
N GLU B 94 -36.56 6.68 -13.59
CA GLU B 94 -37.43 5.81 -12.82
C GLU B 94 -38.27 4.88 -13.69
N GLN B 95 -38.91 5.44 -14.71
CA GLN B 95 -39.83 4.71 -15.58
C GLN B 95 -39.13 3.73 -16.51
N PHE B 96 -37.87 4.01 -16.83
CA PHE B 96 -37.13 3.16 -17.74
C PHE B 96 -36.91 1.79 -17.12
N VAL B 97 -36.81 1.76 -15.80
CA VAL B 97 -36.46 0.54 -15.08
C VAL B 97 -37.72 -0.31 -14.89
N ALA B 98 -38.85 0.33 -14.63
CA ALA B 98 -40.13 -0.39 -14.50
C ALA B 98 -40.51 -0.97 -15.86
N GLN B 99 -40.32 -0.18 -16.91
CA GLN B 99 -40.61 -0.60 -18.26
C GLN B 99 -39.72 -1.75 -18.73
N ALA B 100 -38.43 -1.66 -18.43
CA ALA B 100 -37.50 -2.74 -18.74
C ALA B 100 -37.91 -4.00 -17.98
N GLY B 101 -38.23 -3.84 -16.70
CA GLY B 101 -38.75 -4.95 -15.91
C GLY B 101 -39.86 -5.68 -16.63
N LYS B 102 -40.84 -4.92 -17.12
CA LYS B 102 -41.93 -5.46 -17.92
C LYS B 102 -41.42 -6.34 -19.05
N LEU B 103 -40.64 -5.74 -19.94
CA LEU B 103 -40.19 -6.42 -21.15
C LEU B 103 -39.44 -7.72 -20.92
N MET B 104 -38.94 -7.92 -19.70
CA MET B 104 -38.11 -9.10 -19.41
C MET B 104 -38.72 -10.06 -18.40
N GLY B 105 -39.65 -9.56 -17.60
CA GLY B 105 -40.27 -10.38 -16.56
C GLY B 105 -39.47 -10.41 -15.28
N GLY B 106 -38.70 -9.35 -15.02
CA GLY B 106 -37.87 -9.27 -13.84
C GLY B 106 -36.49 -8.71 -14.15
N LEU B 107 -35.65 -8.57 -13.13
CA LEU B 107 -34.32 -8.01 -13.35
C LEU B 107 -33.26 -8.65 -12.44
N ASP B 108 -32.22 -9.21 -13.07
CA ASP B 108 -31.15 -9.86 -12.35
C ASP B 108 -29.95 -8.94 -12.24
N MET B 109 -29.59 -8.28 -13.33
CA MET B 109 -28.41 -7.44 -13.32
C MET B 109 -28.67 -6.04 -13.89
N LEU B 110 -28.34 -5.02 -13.10
CA LEU B 110 -28.52 -3.64 -13.52
C LEU B 110 -27.16 -3.01 -13.78
N ILE B 111 -26.90 -2.60 -15.01
CA ILE B 111 -25.58 -2.07 -15.36
C ILE B 111 -25.56 -0.54 -15.64
N LEU B 112 -25.13 0.20 -14.64
CA LEU B 112 -25.02 1.65 -14.72
C LEU B 112 -23.70 2.01 -15.37
N ASN B 113 -23.76 2.66 -16.52
CA ASN B 113 -22.59 2.87 -17.37
C ASN B 113 -22.57 4.23 -18.08
N HIS B 114 -23.73 4.83 -18.32
CA HIS B 114 -23.84 6.08 -19.09
C HIS B 114 -23.20 7.27 -18.39
N ILE B 115 -22.71 8.24 -19.15
CA ILE B 115 -22.20 9.48 -18.57
C ILE B 115 -22.54 10.70 -19.45
N THR B 116 -22.80 11.83 -18.81
CA THR B 116 -23.01 13.05 -19.58
C THR B 116 -21.77 13.28 -20.39
N ASN B 117 -21.91 13.83 -21.58
CA ASN B 117 -20.74 13.93 -22.43
C ASN B 117 -19.72 14.96 -21.94
N THR B 118 -18.46 14.55 -21.96
CA THR B 118 -17.39 15.29 -21.32
C THR B 118 -16.21 15.44 -22.27
N SER B 119 -15.33 16.37 -21.97
CA SER B 119 -14.06 16.50 -22.68
C SER B 119 -12.99 17.03 -21.73
N LEU B 120 -11.80 17.32 -22.27
CA LEU B 120 -10.69 17.76 -21.43
C LEU B 120 -10.60 19.28 -21.33
N ASN B 121 -10.83 19.79 -20.12
CA ASN B 121 -10.76 21.22 -19.88
C ASN B 121 -10.24 21.55 -18.49
N LEU B 122 -9.48 22.63 -18.40
CA LEU B 122 -9.22 23.23 -17.11
C LEU B 122 -10.55 23.80 -16.63
N PHE B 123 -10.90 23.55 -15.38
CA PHE B 123 -12.13 24.11 -14.84
C PHE B 123 -11.93 25.59 -14.57
N HIS B 124 -12.78 26.42 -15.17
CA HIS B 124 -12.73 27.85 -14.90
C HIS B 124 -14.01 28.34 -14.21
N ASP B 125 -15.13 28.21 -14.91
CA ASP B 125 -16.38 28.75 -14.38
C ASP B 125 -17.60 27.90 -14.64
N ASP B 126 -17.41 26.71 -15.20
CA ASP B 126 -18.56 25.91 -15.58
C ASP B 126 -19.20 25.17 -14.41
N ILE B 127 -20.01 25.89 -13.65
CA ILE B 127 -20.78 25.28 -12.56
C ILE B 127 -21.93 24.51 -13.16
N HIS B 128 -22.23 24.81 -14.42
CA HIS B 128 -23.31 24.13 -15.12
C HIS B 128 -22.89 22.73 -15.55
N HIS B 129 -21.63 22.60 -15.98
CA HIS B 129 -21.11 21.29 -16.35
C HIS B 129 -20.90 20.41 -15.12
N VAL B 130 -20.61 21.05 -13.99
CA VAL B 130 -20.41 20.33 -12.72
C VAL B 130 -21.71 19.72 -12.21
N ARG B 131 -22.78 20.52 -12.24
CA ARG B 131 -24.10 20.00 -11.85
C ARG B 131 -24.60 18.91 -12.79
N LYS B 132 -24.47 19.13 -14.09
CA LYS B 132 -24.95 18.15 -15.07
C LYS B 132 -24.25 16.81 -14.89
N SER B 133 -22.93 16.85 -14.74
CA SER B 133 -22.13 15.66 -14.44
C SER B 133 -22.63 15.00 -13.15
N MET B 134 -22.91 15.80 -12.12
CA MET B 134 -23.40 15.25 -10.87
C MET B 134 -24.76 14.56 -11.03
N GLU B 135 -25.64 15.17 -11.83
CA GLU B 135 -26.98 14.65 -12.04
C GLU B 135 -26.99 13.38 -12.90
N VAL B 136 -26.30 13.42 -14.04
CA VAL B 136 -26.29 12.31 -14.99
C VAL B 136 -25.34 11.19 -14.54
N ASN B 137 -24.10 11.55 -14.23
CA ASN B 137 -23.08 10.56 -13.86
C ASN B 137 -23.33 9.94 -12.50
N PHE B 138 -24.20 10.54 -11.68
CA PHE B 138 -24.28 10.06 -10.30
C PHE B 138 -25.69 9.94 -9.75
N LEU B 139 -26.37 11.07 -9.63
CA LEU B 139 -27.70 11.10 -9.06
C LEU B 139 -28.63 10.10 -9.76
N SER B 140 -28.67 10.13 -11.09
CA SER B 140 -29.54 9.23 -11.86
C SER B 140 -29.22 7.75 -11.57
N TYR B 141 -27.96 7.47 -11.27
CA TYR B 141 -27.57 6.12 -10.93
C TYR B 141 -28.32 5.73 -9.68
N VAL B 142 -28.39 6.67 -8.73
CA VAL B 142 -29.17 6.46 -7.52
C VAL B 142 -30.65 6.26 -7.80
N VAL B 143 -31.17 6.96 -8.80
CA VAL B 143 -32.59 6.85 -9.11
C VAL B 143 -32.89 5.48 -9.70
N LEU B 144 -32.12 5.10 -10.73
CA LEU B 144 -32.20 3.76 -11.29
C LEU B 144 -32.04 2.71 -10.21
N THR B 145 -31.07 2.89 -9.33
CA THR B 145 -30.88 1.90 -8.28
C THR B 145 -32.13 1.71 -7.42
N VAL B 146 -32.75 2.81 -7.01
CA VAL B 146 -33.99 2.73 -6.24
C VAL B 146 -35.11 2.06 -7.05
N ALA B 147 -35.22 2.44 -8.33
CA ALA B 147 -36.19 1.83 -9.22
C ALA B 147 -36.03 0.30 -9.27
N ALA B 148 -34.78 -0.16 -9.31
CA ALA B 148 -34.46 -1.56 -9.60
C ALA B 148 -34.40 -2.46 -8.37
N LEU B 149 -34.12 -1.86 -7.22
CA LEU B 149 -33.83 -2.63 -6.01
C LEU B 149 -34.89 -3.69 -5.68
N PRO B 150 -36.18 -3.31 -5.71
CA PRO B 150 -37.27 -4.29 -5.58
C PRO B 150 -37.05 -5.57 -6.40
N MET B 151 -36.96 -5.43 -7.72
CA MET B 151 -36.74 -6.58 -8.58
C MET B 151 -35.44 -7.29 -8.29
N LEU B 152 -34.42 -6.52 -7.92
CA LEU B 152 -33.10 -7.09 -7.67
C LEU B 152 -33.06 -7.91 -6.38
N LYS B 153 -33.93 -7.60 -5.42
CA LYS B 153 -33.97 -8.36 -4.18
C LYS B 153 -34.57 -9.76 -4.39
N GLN B 154 -35.64 -9.83 -5.18
CA GLN B 154 -36.27 -11.10 -5.52
C GLN B 154 -35.35 -12.03 -6.29
N SER B 155 -34.56 -11.46 -7.20
CA SER B 155 -33.66 -12.23 -8.04
C SER B 155 -32.27 -12.34 -7.43
N ASN B 156 -32.11 -11.80 -6.23
CA ASN B 156 -30.81 -11.75 -5.58
C ASN B 156 -29.78 -11.31 -6.59
N GLY B 157 -30.13 -10.25 -7.32
CA GLY B 157 -29.37 -9.84 -8.47
C GLY B 157 -28.17 -8.98 -8.12
N SER B 158 -27.75 -8.18 -9.09
CA SER B 158 -26.50 -7.46 -8.98
C SER B 158 -26.63 -6.06 -9.56
N ILE B 159 -26.05 -5.09 -8.85
CA ILE B 159 -25.86 -3.76 -9.41
C ILE B 159 -24.44 -3.66 -9.89
N VAL B 160 -24.24 -3.08 -11.06
CA VAL B 160 -22.90 -2.92 -11.59
C VAL B 160 -22.64 -1.47 -11.95
N VAL B 161 -21.59 -0.90 -11.38
CA VAL B 161 -21.40 0.53 -11.50
C VAL B 161 -20.03 0.83 -12.11
N VAL B 162 -20.04 1.36 -13.33
CA VAL B 162 -18.79 1.64 -14.02
C VAL B 162 -18.19 2.99 -13.66
N SER B 163 -16.95 2.93 -13.18
CA SER B 163 -16.25 4.14 -12.76
C SER B 163 -14.90 4.19 -13.44
N SER B 164 -13.95 4.88 -12.82
CA SER B 164 -12.74 5.24 -13.55
C SER B 164 -11.59 5.53 -12.60
N LEU B 165 -10.37 5.57 -13.14
CA LEU B 165 -9.21 5.95 -12.36
C LEU B 165 -9.41 7.33 -11.76
N ALA B 166 -10.15 8.18 -12.49
CA ALA B 166 -10.39 9.56 -12.08
C ALA B 166 -11.33 9.60 -10.90
N GLY B 167 -11.97 8.48 -10.63
CA GLY B 167 -12.84 8.34 -9.47
C GLY B 167 -12.19 7.63 -8.30
N LYS B 168 -10.88 7.37 -8.40
CA LYS B 168 -10.10 6.78 -7.32
C LYS B 168 -8.90 7.67 -6.98
N VAL B 169 -8.37 8.35 -7.98
CA VAL B 169 -7.26 9.27 -7.77
C VAL B 169 -7.58 10.58 -8.49
N ALA B 170 -6.74 11.58 -8.29
CA ALA B 170 -7.03 12.93 -8.74
C ALA B 170 -6.26 13.27 -10.00
N TYR B 171 -6.97 13.72 -11.02
CA TYR B 171 -6.33 14.13 -12.26
C TYR B 171 -6.87 15.50 -12.69
N PRO B 172 -6.04 16.33 -13.32
CA PRO B 172 -6.43 17.65 -13.86
C PRO B 172 -7.17 17.52 -15.19
N MET B 173 -8.03 18.50 -15.50
CA MET B 173 -8.80 18.55 -16.75
C MET B 173 -10.04 17.64 -16.75
N VAL B 174 -10.28 16.96 -15.62
CA VAL B 174 -11.48 16.15 -15.45
C VAL B 174 -12.12 16.35 -14.06
N ALA B 175 -12.21 17.60 -13.64
CA ALA B 175 -12.72 17.92 -12.29
C ALA B 175 -14.16 17.45 -12.06
N ALA B 176 -15.10 17.95 -12.87
CA ALA B 176 -16.51 17.60 -12.68
C ALA B 176 -16.71 16.09 -12.78
N TYR B 177 -16.12 15.51 -13.81
CA TYR B 177 -16.17 14.07 -14.02
C TYR B 177 -15.67 13.31 -12.78
N SER B 178 -14.51 13.71 -12.27
CA SER B 178 -13.91 13.02 -11.12
C SER B 178 -14.77 13.10 -9.88
N ALA B 179 -15.26 14.29 -9.57
CA ALA B 179 -16.19 14.47 -8.44
C ALA B 179 -17.36 13.46 -8.51
N SER B 180 -17.93 13.28 -9.70
CA SER B 180 -19.09 12.41 -9.85
C SER B 180 -18.75 10.94 -9.67
N LYS B 181 -17.57 10.53 -10.17
CA LYS B 181 -17.08 9.16 -9.99
C LYS B 181 -16.70 8.88 -8.54
N PHE B 182 -16.00 9.81 -7.92
CA PHE B 182 -15.74 9.76 -6.49
C PHE B 182 -17.08 9.65 -5.74
N ALA B 183 -18.08 10.39 -6.17
CA ALA B 183 -19.35 10.39 -5.46
C ALA B 183 -19.99 9.00 -5.52
N LEU B 184 -19.97 8.38 -6.70
CA LEU B 184 -20.40 6.97 -6.85
C LEU B 184 -19.69 6.01 -5.89
N ASP B 185 -18.36 6.15 -5.78
CA ASP B 185 -17.60 5.31 -4.87
C ASP B 185 -18.20 5.46 -3.49
N GLY B 186 -18.27 6.71 -3.02
CA GLY B 186 -18.78 7.04 -1.70
C GLY B 186 -20.18 6.53 -1.45
N PHE B 187 -21.10 6.85 -2.35
CA PHE B 187 -22.46 6.36 -2.19
C PHE B 187 -22.58 4.83 -2.28
N PHE B 188 -22.06 4.23 -3.33
CA PHE B 188 -22.35 2.80 -3.51
C PHE B 188 -21.59 1.89 -2.55
N SER B 189 -20.35 2.24 -2.24
CA SER B 189 -19.62 1.52 -1.20
C SER B 189 -20.37 1.63 0.12
N SER B 190 -20.82 2.84 0.46
CA SER B 190 -21.57 3.02 1.69
C SER B 190 -22.84 2.16 1.68
N ILE B 191 -23.49 2.04 0.52
CA ILE B 191 -24.70 1.22 0.44
C ILE B 191 -24.40 -0.26 0.57
N ARG B 192 -23.30 -0.73 -0.03
CA ARG B 192 -22.89 -2.13 0.11
C ARG B 192 -22.90 -2.54 1.59
N LYS B 193 -22.22 -1.76 2.43
CA LYS B 193 -22.18 -2.02 3.87
C LYS B 193 -23.55 -2.03 4.51
N GLU B 194 -24.47 -1.20 4.04
CA GLU B 194 -25.82 -1.25 4.58
C GLU B 194 -26.45 -2.60 4.24
N TYR B 195 -26.32 -3.04 2.99
CA TYR B 195 -26.83 -4.35 2.62
C TYR B 195 -26.17 -5.45 3.44
N SER B 196 -24.91 -5.26 3.80
CA SER B 196 -24.23 -6.23 4.67
C SER B 196 -24.91 -6.35 6.03
N VAL B 197 -25.10 -5.21 6.70
CA VAL B 197 -25.79 -5.20 7.98
C VAL B 197 -27.22 -5.71 7.86
N SER B 198 -28.01 -5.08 7.00
CA SER B 198 -29.42 -5.42 6.85
C SER B 198 -29.65 -6.67 6.00
N ARG B 199 -28.58 -7.40 5.73
CA ARG B 199 -28.63 -8.67 5.00
C ARG B 199 -29.45 -8.65 3.70
N VAL B 200 -29.30 -7.59 2.91
CA VAL B 200 -29.86 -7.55 1.57
C VAL B 200 -28.89 -8.27 0.62
N ASN B 201 -29.41 -9.24 -0.12
CA ASN B 201 -28.53 -10.05 -0.98
C ASN B 201 -28.47 -9.57 -2.43
N VAL B 202 -28.01 -8.33 -2.61
CA VAL B 202 -27.84 -7.72 -3.92
C VAL B 202 -26.41 -7.24 -4.01
N SER B 203 -25.66 -7.73 -5.00
CA SER B 203 -24.24 -7.40 -5.11
C SER B 203 -24.05 -6.01 -5.70
N ILE B 204 -23.06 -5.28 -5.17
CA ILE B 204 -22.62 -4.03 -5.76
C ILE B 204 -21.19 -4.17 -6.24
N THR B 205 -20.98 -4.01 -7.54
CA THR B 205 -19.65 -4.09 -8.13
C THR B 205 -19.22 -2.73 -8.67
N LEU B 206 -18.13 -2.17 -8.14
CA LEU B 206 -17.59 -0.91 -8.67
C LEU B 206 -16.43 -1.22 -9.63
N CYS B 207 -16.51 -0.70 -10.85
CA CYS B 207 -15.49 -1.01 -11.85
C CYS B 207 -14.60 0.21 -12.11
N VAL B 208 -13.30 0.04 -11.93
CA VAL B 208 -12.36 1.14 -12.04
C VAL B 208 -11.56 1.03 -13.32
N LEU B 209 -12.00 1.74 -14.35
CA LEU B 209 -11.41 1.62 -15.67
C LEU B 209 -10.37 2.70 -15.92
N GLY B 210 -9.23 2.30 -16.48
CA GLY B 210 -8.29 3.26 -17.00
C GLY B 210 -8.73 3.58 -18.40
N LEU B 211 -7.85 4.20 -19.19
CA LEU B 211 -8.22 4.58 -20.54
C LEU B 211 -8.66 3.36 -21.38
N ILE B 212 -9.89 3.40 -21.85
CA ILE B 212 -10.40 2.39 -22.78
C ILE B 212 -10.62 3.04 -24.14
N ASP B 213 -10.35 2.30 -25.21
CA ASP B 213 -10.42 2.85 -26.56
C ASP B 213 -11.85 2.91 -27.12
N THR B 214 -12.69 3.70 -26.48
CA THR B 214 -13.99 4.04 -27.05
C THR B 214 -13.80 5.24 -27.97
N GLU B 215 -14.70 5.41 -28.93
CA GLU B 215 -14.57 6.49 -29.90
C GLU B 215 -14.76 7.86 -29.24
N THR B 216 -15.45 7.90 -28.10
CA THR B 216 -15.66 9.15 -27.37
C THR B 216 -14.44 9.53 -26.54
N ALA B 217 -13.74 8.51 -26.01
CA ALA B 217 -12.54 8.76 -25.23
C ALA B 217 -11.40 9.22 -26.14
N MET B 218 -11.14 8.45 -27.20
CA MET B 218 -10.04 8.74 -28.12
C MET B 218 -10.23 10.09 -28.81
N LYS B 219 -11.48 10.51 -28.97
CA LYS B 219 -11.78 11.84 -29.49
C LYS B 219 -11.38 12.91 -28.49
N ALA B 220 -11.66 12.67 -27.22
CA ALA B 220 -11.42 13.66 -26.17
C ALA B 220 -9.96 13.67 -25.68
N VAL B 221 -9.22 12.63 -26.00
CA VAL B 221 -7.85 12.47 -25.54
C VAL B 221 -6.82 12.94 -26.57
N SER B 222 -7.26 13.09 -27.82
CA SER B 222 -6.36 13.38 -28.94
C SER B 222 -5.60 14.71 -28.80
N GLY B 223 -4.29 14.62 -28.66
CA GLY B 223 -3.44 15.78 -28.54
C GLY B 223 -3.01 16.06 -27.11
N ILE B 224 -3.98 16.10 -26.21
CA ILE B 224 -3.73 16.41 -24.79
C ILE B 224 -3.00 15.30 -24.06
N VAL B 225 -3.48 14.08 -24.20
CA VAL B 225 -2.92 12.97 -23.43
C VAL B 225 -2.35 11.85 -24.30
N HIS B 226 -1.11 11.48 -24.02
CA HIS B 226 -0.50 10.31 -24.65
C HIS B 226 -0.48 9.15 -23.66
N MET B 227 -1.30 8.14 -23.92
CA MET B 227 -1.33 6.94 -23.10
C MET B 227 -2.02 5.83 -23.88
N GLN B 228 -1.79 4.58 -23.49
CA GLN B 228 -2.36 3.47 -24.25
C GLN B 228 -3.80 3.16 -23.84
N ALA B 229 -4.62 2.80 -24.82
CA ALA B 229 -6.01 2.47 -24.59
C ALA B 229 -6.22 0.96 -24.63
N ALA B 230 -6.74 0.41 -23.55
CA ALA B 230 -7.14 -0.99 -23.51
C ALA B 230 -8.33 -1.21 -24.44
N PRO B 231 -8.52 -2.45 -24.93
CA PRO B 231 -9.64 -2.73 -25.82
C PRO B 231 -10.97 -2.51 -25.09
N LYS B 232 -12.00 -2.09 -25.81
CA LYS B 232 -13.30 -1.93 -25.18
C LYS B 232 -14.03 -3.27 -25.10
N GLU B 233 -13.65 -4.20 -25.96
CA GLU B 233 -14.29 -5.52 -26.02
C GLU B 233 -13.98 -6.37 -24.78
N GLU B 234 -12.72 -6.41 -24.38
CA GLU B 234 -12.31 -7.15 -23.19
C GLU B 234 -12.72 -6.37 -21.95
N CYS B 235 -12.72 -5.04 -22.08
CA CYS B 235 -13.16 -4.18 -20.99
C CYS B 235 -14.57 -4.60 -20.61
N ALA B 236 -15.45 -4.66 -21.61
CA ALA B 236 -16.84 -5.04 -21.43
C ALA B 236 -17.03 -6.45 -20.82
N LEU B 237 -16.35 -7.45 -21.34
CA LEU B 237 -16.43 -8.78 -20.75
C LEU B 237 -16.00 -8.73 -19.28
N GLU B 238 -14.87 -8.07 -19.01
CA GLU B 238 -14.35 -7.96 -17.65
C GLU B 238 -15.38 -7.36 -16.68
N ILE B 239 -16.10 -6.33 -17.11
CA ILE B 239 -17.14 -5.74 -16.26
C ILE B 239 -18.27 -6.74 -15.99
N ILE B 240 -18.68 -7.47 -17.03
CA ILE B 240 -19.74 -8.46 -16.89
C ILE B 240 -19.34 -9.58 -15.92
N LYS B 241 -18.10 -10.05 -16.01
CA LYS B 241 -17.61 -11.11 -15.13
C LYS B 241 -17.60 -10.67 -13.67
N GLY B 242 -17.11 -9.46 -13.41
CA GLY B 242 -17.07 -8.91 -12.06
C GLY B 242 -18.42 -8.87 -11.38
N GLY B 243 -19.46 -8.62 -12.17
CA GLY B 243 -20.82 -8.58 -11.66
C GLY B 243 -21.45 -9.95 -11.53
N ALA B 244 -21.17 -10.82 -12.51
CA ALA B 244 -21.64 -12.19 -12.46
C ALA B 244 -21.10 -12.86 -11.20
N LEU B 245 -19.80 -12.70 -10.95
CA LEU B 245 -19.15 -13.27 -9.78
C LEU B 245 -19.33 -12.43 -8.51
N ARG B 246 -20.10 -11.35 -8.59
CA ARG B 246 -20.42 -10.53 -7.42
C ARG B 246 -19.22 -9.98 -6.63
N GLN B 247 -18.18 -9.56 -7.33
CA GLN B 247 -17.00 -8.99 -6.71
C GLN B 247 -17.31 -7.59 -6.20
N GLU B 248 -16.57 -7.13 -5.21
CA GLU B 248 -16.70 -5.78 -4.70
C GLU B 248 -16.18 -4.77 -5.73
N GLU B 249 -14.99 -5.02 -6.23
CA GLU B 249 -14.42 -4.10 -7.21
C GLU B 249 -13.77 -4.86 -8.35
N VAL B 250 -13.69 -4.19 -9.49
CA VAL B 250 -13.03 -4.73 -10.65
C VAL B 250 -12.12 -3.64 -11.13
N TYR B 251 -10.92 -4.01 -11.57
CA TYR B 251 -10.01 -3.05 -12.13
C TYR B 251 -9.66 -3.47 -13.55
N TYR B 252 -9.62 -2.51 -14.45
CA TYR B 252 -9.22 -2.78 -15.83
C TYR B 252 -8.43 -1.60 -16.40
N ASP B 253 -7.27 -1.92 -16.97
CA ASP B 253 -6.35 -0.92 -17.49
C ASP B 253 -5.24 -1.66 -18.21
N SER B 254 -4.86 -1.15 -19.38
CA SER B 254 -3.81 -1.75 -20.19
C SER B 254 -2.57 -2.08 -19.38
N SER B 255 -2.25 -1.23 -18.41
CA SER B 255 -1.03 -1.38 -17.61
C SER B 255 -1.16 -2.50 -16.56
N LEU B 256 -0.07 -2.77 -15.87
CA LEU B 256 -0.07 -3.72 -14.75
C LEU B 256 0.25 -2.94 -13.48
N TRP B 257 1.16 -1.98 -13.62
CA TRP B 257 1.43 -1.04 -12.56
C TRP B 257 0.08 -0.57 -11.98
N THR B 258 -0.70 0.09 -12.82
CA THR B 258 -2.02 0.60 -12.44
C THR B 258 -2.91 -0.33 -11.60
N THR B 259 -3.36 -1.42 -12.21
CA THR B 259 -4.36 -2.29 -11.57
C THR B 259 -3.99 -2.77 -10.14
N LEU B 260 -2.72 -2.77 -9.80
CA LEU B 260 -2.28 -3.30 -8.50
C LEU B 260 -2.30 -2.30 -7.34
N LEU B 261 -2.26 -1.02 -7.67
CA LEU B 261 -2.21 0.01 -6.64
C LEU B 261 -3.62 0.44 -6.24
N ILE B 262 -4.58 0.20 -7.11
CA ILE B 262 -5.95 0.67 -6.89
C ILE B 262 -6.53 0.17 -5.57
N ARG B 263 -6.32 -1.11 -5.26
CA ARG B 263 -6.75 -1.65 -3.96
C ARG B 263 -6.09 -0.86 -2.83
N ASN B 264 -6.87 -0.49 -1.82
CA ASN B 264 -6.37 0.26 -0.67
C ASN B 264 -6.65 -0.50 0.61
N PRO B 265 -5.64 -1.22 1.13
CA PRO B 265 -5.87 -2.10 2.28
C PRO B 265 -6.14 -1.29 3.54
N SER B 266 -5.41 -0.19 3.71
CA SER B 266 -5.66 0.72 4.83
C SER B 266 -7.13 1.14 4.88
N ARG B 267 -7.73 1.40 3.71
CA ARG B 267 -9.17 1.67 3.64
C ARG B 267 -9.97 0.46 4.14
N LYS B 268 -9.57 -0.71 3.70
CA LYS B 268 -10.21 -1.96 4.11
C LYS B 268 -10.13 -2.07 5.63
N ILE B 269 -9.03 -1.55 6.18
CA ILE B 269 -8.75 -1.60 7.60
C ILE B 269 -9.67 -0.73 8.45
N LEU B 270 -9.78 0.55 8.10
CA LEU B 270 -10.64 1.48 8.83
C LEU B 270 -12.12 1.13 8.74
N GLU B 271 -12.51 0.48 7.66
CA GLU B 271 -13.92 0.19 7.45
C GLU B 271 -14.38 -0.87 8.46
N PHE B 272 -13.42 -1.35 9.26
CA PHE B 272 -13.71 -2.28 10.35
C PHE B 272 -14.15 -1.61 11.65
N LEU B 273 -13.95 -0.30 11.76
CA LEU B 273 -14.33 0.45 12.96
C LEU B 273 -15.82 0.30 13.26
N TYR B 274 -16.65 0.25 12.22
CA TYR B 274 -18.09 0.10 12.43
CA TYR B 274 -18.09 0.08 12.42
C TYR B 274 -18.43 -1.29 12.95
N SER B 275 -17.87 -2.32 12.31
CA SER B 275 -18.15 -3.71 12.69
C SER B 275 -18.57 -3.81 14.16
N THR B 276 -19.88 -3.93 14.38
CA THR B 276 -20.47 -3.97 15.72
C THR B 276 -21.97 -4.26 15.67
N ASN C 18 18.11 19.49 9.54
CA ASN C 18 18.00 18.81 8.26
C ASN C 18 17.90 19.80 7.10
N GLU C 19 18.80 19.70 6.14
CA GLU C 19 18.76 20.56 4.96
C GLU C 19 19.55 19.95 3.80
N GLU C 20 19.73 20.71 2.73
CA GLU C 20 20.37 20.20 1.52
C GLU C 20 21.80 19.73 1.77
N PHE C 21 22.33 18.97 0.81
CA PHE C 21 23.67 18.40 0.94
C PHE C 21 24.74 19.30 0.31
N ARG C 22 25.82 19.52 1.05
CA ARG C 22 26.98 20.23 0.52
C ARG C 22 28.23 19.36 0.65
N PRO C 23 29.08 19.35 -0.38
CA PRO C 23 30.29 18.52 -0.38
C PRO C 23 31.12 18.73 0.89
N GLU C 24 31.22 19.98 1.32
CA GLU C 24 32.01 20.36 2.49
C GLU C 24 31.71 19.49 3.71
N MET C 25 30.52 18.91 3.73
CA MET C 25 30.08 18.04 4.83
C MET C 25 31.03 16.86 5.08
N LEU C 26 31.76 16.48 4.04
CA LEU C 26 32.65 15.33 4.12
C LEU C 26 34.10 15.76 4.31
N GLN C 27 34.35 17.07 4.21
CA GLN C 27 35.68 17.64 4.44
C GLN C 27 36.25 17.22 5.79
N GLY C 28 37.32 16.41 5.76
CA GLY C 28 38.01 16.03 7.00
C GLY C 28 37.32 14.91 7.76
N LYS C 29 36.30 14.30 7.15
CA LYS C 29 35.65 13.14 7.73
C LYS C 29 36.54 11.90 7.57
N LYS C 30 36.51 11.02 8.55
CA LYS C 30 37.29 9.79 8.48
C LYS C 30 36.38 8.65 7.97
N VAL C 31 36.61 8.21 6.74
CA VAL C 31 35.67 7.30 6.09
C VAL C 31 36.30 6.00 5.61
N ILE C 32 35.60 4.89 5.86
CA ILE C 32 35.99 3.61 5.30
C ILE C 32 35.06 3.28 4.13
N VAL C 33 35.60 2.59 3.12
CA VAL C 33 34.81 2.12 1.99
C VAL C 33 35.31 0.73 1.63
N THR C 34 34.56 -0.31 1.98
CA THR C 34 34.99 -1.65 1.62
C THR C 34 34.67 -1.90 0.15
N GLY C 35 35.14 -3.01 -0.38
CA GLY C 35 34.95 -3.31 -1.79
C GLY C 35 35.17 -2.08 -2.65
N ALA C 36 36.30 -1.41 -2.43
CA ALA C 36 36.58 -0.12 -3.04
C ALA C 36 37.64 -0.18 -4.13
N SER C 37 38.05 -1.39 -4.50
CA SER C 37 39.04 -1.58 -5.57
C SER C 37 38.45 -1.34 -6.97
N LYS C 38 37.13 -1.48 -7.10
CA LYS C 38 36.45 -1.12 -8.36
C LYS C 38 34.98 -0.81 -8.17
N GLY C 39 34.32 -0.48 -9.28
CA GLY C 39 32.88 -0.29 -9.29
C GLY C 39 32.42 0.87 -8.45
N ILE C 40 31.19 0.76 -7.96
CA ILE C 40 30.59 1.77 -7.10
C ILE C 40 31.52 2.14 -5.94
N GLY C 41 32.08 1.13 -5.31
CA GLY C 41 32.96 1.33 -4.17
C GLY C 41 34.10 2.29 -4.49
N ARG C 42 34.75 2.07 -5.61
CA ARG C 42 35.85 2.94 -6.03
C ARG C 42 35.37 4.35 -6.35
N GLU C 43 34.18 4.48 -6.95
CA GLU C 43 33.58 5.77 -7.23
C GLU C 43 33.30 6.55 -5.95
N MET C 44 32.79 5.87 -4.92
CA MET C 44 32.53 6.49 -3.63
C MET C 44 33.82 7.03 -3.03
N ALA C 45 34.91 6.26 -3.13
CA ALA C 45 36.21 6.71 -2.64
C ALA C 45 36.71 7.95 -3.38
N TYR C 46 36.62 7.96 -4.71
CA TYR C 46 37.05 9.12 -5.49
C TYR C 46 36.24 10.37 -5.13
N HIS C 47 34.93 10.20 -4.93
CA HIS C 47 34.07 11.30 -4.51
C HIS C 47 34.49 11.84 -3.15
N LEU C 48 34.63 10.94 -2.18
CA LEU C 48 35.05 11.32 -0.83
C LEU C 48 36.40 12.01 -0.92
N ALA C 49 37.17 11.65 -1.93
CA ALA C 49 38.51 12.17 -2.09
C ALA C 49 38.48 13.58 -2.67
N LYS C 50 37.46 13.90 -3.45
CA LYS C 50 37.29 15.27 -3.94
C LYS C 50 36.78 16.17 -2.81
N MET C 51 36.02 15.59 -1.89
CA MET C 51 35.43 16.36 -0.80
C MET C 51 36.39 16.51 0.37
N GLY C 52 37.65 16.17 0.15
CA GLY C 52 38.69 16.37 1.16
C GLY C 52 38.54 15.50 2.39
N ALA C 53 38.18 14.24 2.19
CA ALA C 53 37.99 13.32 3.30
C ALA C 53 39.26 12.49 3.56
N HIS C 54 39.33 11.88 4.74
CA HIS C 54 40.28 10.80 4.97
C HIS C 54 39.54 9.53 4.61
N VAL C 55 40.21 8.63 3.89
CA VAL C 55 39.57 7.40 3.44
C VAL C 55 40.51 6.21 3.58
N VAL C 56 39.98 5.11 4.08
CA VAL C 56 40.70 3.84 4.09
C VAL C 56 39.88 2.89 3.23
N VAL C 57 40.40 2.53 2.06
CA VAL C 57 39.71 1.66 1.15
C VAL C 57 40.21 0.23 1.32
N THR C 58 39.42 -0.74 0.86
CA THR C 58 39.84 -2.13 0.94
C THR C 58 39.11 -3.08 -0.01
N ALA C 59 39.83 -4.09 -0.45
CA ALA C 59 39.33 -5.13 -1.32
C ALA C 59 40.49 -6.10 -1.34
N ARG C 60 40.53 -7.03 -2.27
CA ARG C 60 41.67 -7.93 -2.28
C ARG C 60 42.76 -7.50 -3.27
N SER C 61 42.38 -6.72 -4.28
CA SER C 61 43.36 -6.24 -5.29
C SER C 61 44.39 -5.30 -4.68
N LYS C 62 45.48 -5.85 -4.20
CA LYS C 62 46.56 -5.05 -3.66
C LYS C 62 46.98 -3.97 -4.66
N GLU C 63 47.29 -4.37 -5.89
CA GLU C 63 47.85 -3.44 -6.86
C GLU C 63 46.86 -2.34 -7.24
N THR C 64 45.61 -2.71 -7.41
CA THR C 64 44.57 -1.76 -7.83
C THR C 64 44.18 -0.81 -6.71
N LEU C 65 44.11 -1.36 -5.49
CA LEU C 65 43.88 -0.53 -4.32
C LEU C 65 44.92 0.58 -4.26
N GLN C 66 46.14 0.28 -4.69
CA GLN C 66 47.22 1.26 -4.71
C GLN C 66 46.92 2.38 -5.73
N LYS C 67 46.44 1.99 -6.91
CA LYS C 67 46.08 2.95 -7.95
C LYS C 67 44.92 3.85 -7.52
N VAL C 68 44.01 3.28 -6.73
CA VAL C 68 42.85 4.00 -6.23
C VAL C 68 43.28 5.05 -5.23
N VAL C 69 44.02 4.60 -4.22
CA VAL C 69 44.62 5.47 -3.23
C VAL C 69 45.46 6.60 -3.85
N SER C 70 46.45 6.24 -4.66
CA SER C 70 47.24 7.27 -5.32
C SER C 70 46.32 8.27 -6.00
N HIS C 71 45.26 7.77 -6.65
CA HIS C 71 44.36 8.70 -7.31
C HIS C 71 43.52 9.56 -6.36
N CYS C 72 43.19 9.02 -5.19
CA CYS C 72 42.45 9.80 -4.19
C CYS C 72 43.26 11.02 -3.76
N LEU C 73 44.52 10.79 -3.41
CA LEU C 73 45.45 11.86 -3.04
C LEU C 73 45.47 12.92 -4.14
N GLU C 74 45.60 12.45 -5.38
CA GLU C 74 45.59 13.34 -6.53
C GLU C 74 44.28 14.12 -6.61
N LEU C 75 43.17 13.50 -6.24
CA LEU C 75 41.86 14.14 -6.31
C LEU C 75 41.63 15.12 -5.16
N GLY C 76 42.54 15.12 -4.19
CA GLY C 76 42.44 16.05 -3.08
C GLY C 76 42.02 15.42 -1.75
N ALA C 77 42.21 14.11 -1.64
CA ALA C 77 41.91 13.42 -0.38
C ALA C 77 42.72 14.06 0.74
N ALA C 78 42.16 14.10 1.94
CA ALA C 78 42.90 14.60 3.10
C ALA C 78 43.94 13.55 3.51
N SER C 79 43.60 12.28 3.28
CA SER C 79 44.55 11.18 3.43
C SER C 79 43.89 9.91 2.92
N ALA C 80 44.69 9.01 2.37
CA ALA C 80 44.16 7.84 1.70
C ALA C 80 45.08 6.65 1.96
N HIS C 81 44.54 5.56 2.50
CA HIS C 81 45.35 4.37 2.72
C HIS C 81 44.59 3.12 2.32
N TYR C 82 45.30 2.03 2.06
CA TYR C 82 44.61 0.80 1.71
C TYR C 82 45.09 -0.34 2.59
N ILE C 83 44.18 -1.26 2.87
CA ILE C 83 44.52 -2.50 3.56
C ILE C 83 43.82 -3.59 2.78
N ALA C 84 44.57 -4.58 2.35
CA ALA C 84 44.05 -5.56 1.40
C ALA C 84 43.72 -6.84 2.12
N GLY C 85 42.56 -7.43 1.84
CA GLY C 85 42.17 -8.67 2.49
C GLY C 85 40.85 -9.21 1.97
N THR C 86 40.50 -10.43 2.37
CA THR C 86 39.23 -11.00 1.93
C THR C 86 38.26 -11.12 3.08
N MET C 87 37.05 -10.60 2.88
CA MET C 87 36.06 -10.52 3.95
C MET C 87 35.42 -11.87 4.30
N GLU C 88 35.89 -12.93 3.65
CA GLU C 88 35.55 -14.29 4.06
C GLU C 88 36.24 -14.57 5.39
N ASP C 89 37.33 -13.85 5.62
CA ASP C 89 38.14 -13.97 6.83
C ASP C 89 37.66 -12.95 7.89
N MET C 90 36.82 -13.41 8.82
CA MET C 90 36.28 -12.53 9.85
C MET C 90 37.36 -11.87 10.71
N THR C 91 38.44 -12.60 10.99
CA THR C 91 39.51 -12.04 11.81
C THR C 91 40.16 -10.87 11.08
N PHE C 92 40.35 -11.00 9.76
CA PHE C 92 40.83 -9.88 8.99
C PHE C 92 39.87 -8.70 9.11
N ALA C 93 38.58 -9.00 9.13
CA ALA C 93 37.54 -7.98 9.14
C ALA C 93 37.57 -7.14 10.41
N GLU C 94 37.67 -7.78 11.57
CA GLU C 94 37.75 -7.02 12.82
C GLU C 94 39.08 -6.26 12.90
N GLN C 95 40.11 -6.84 12.31
CA GLN C 95 41.44 -6.25 12.30
C GLN C 95 41.55 -5.08 11.36
N PHE C 96 40.89 -5.15 10.20
CA PHE C 96 40.95 -4.08 9.23
C PHE C 96 40.39 -2.78 9.79
N VAL C 97 39.35 -2.89 10.61
CA VAL C 97 38.72 -1.68 11.14
C VAL C 97 39.64 -1.02 12.17
N ALA C 98 40.26 -1.83 13.04
CA ALA C 98 41.18 -1.28 14.03
C ALA C 98 42.35 -0.58 13.34
N GLN C 99 42.98 -1.30 12.42
CA GLN C 99 44.00 -0.71 11.56
C GLN C 99 43.50 0.61 11.02
N ALA C 100 42.36 0.57 10.33
CA ALA C 100 41.82 1.75 9.65
C ALA C 100 41.64 2.92 10.59
N GLY C 101 41.11 2.65 11.79
CA GLY C 101 40.86 3.70 12.76
C GLY C 101 42.14 4.34 13.29
N LYS C 102 43.24 3.61 13.24
CA LYS C 102 44.55 4.14 13.64
C LYS C 102 45.12 5.08 12.57
N LEU C 103 45.02 4.66 11.32
CA LEU C 103 45.54 5.43 10.20
C LEU C 103 44.90 6.81 10.08
N MET C 104 43.64 6.91 10.47
CA MET C 104 42.88 8.13 10.22
C MET C 104 42.68 8.92 11.52
N GLY C 105 42.97 8.27 12.63
CA GLY C 105 42.74 8.85 13.94
C GLY C 105 41.26 8.94 14.25
N GLY C 106 40.53 7.87 13.96
CA GLY C 106 39.09 7.83 14.21
C GLY C 106 38.28 7.37 13.01
N LEU C 107 36.96 7.40 13.15
CA LEU C 107 36.05 6.98 12.10
C LEU C 107 34.69 7.67 12.24
N ASP C 108 34.16 8.15 11.13
CA ASP C 108 32.90 8.90 11.12
C ASP C 108 31.85 8.16 10.32
N MET C 109 32.28 7.41 9.31
CA MET C 109 31.33 6.73 8.44
C MET C 109 31.92 5.41 7.96
N LEU C 110 31.12 4.36 8.01
CA LEU C 110 31.58 3.04 7.60
C LEU C 110 30.75 2.65 6.40
N ILE C 111 31.35 2.68 5.22
CA ILE C 111 30.63 2.35 4.01
C ILE C 111 30.88 0.91 3.55
N LEU C 112 29.93 0.04 3.89
CA LEU C 112 30.02 -1.40 3.63
C LEU C 112 29.41 -1.72 2.27
N ASN C 113 30.23 -2.19 1.35
CA ASN C 113 29.84 -2.25 -0.07
C ASN C 113 30.31 -3.51 -0.80
N HIS C 114 31.31 -4.20 -0.27
CA HIS C 114 31.88 -5.39 -0.92
C HIS C 114 30.85 -6.51 -1.09
N ILE C 115 31.00 -7.31 -2.14
CA ILE C 115 30.22 -8.53 -2.29
C ILE C 115 31.10 -9.60 -2.90
N THR C 116 30.82 -10.86 -2.62
CA THR C 116 31.57 -11.94 -3.26
C THR C 116 31.16 -12.05 -4.72
N ASN C 117 32.07 -12.54 -5.55
CA ASN C 117 31.76 -12.73 -6.97
C ASN C 117 30.45 -13.49 -7.16
N THR C 118 29.52 -12.88 -7.90
CA THR C 118 28.22 -13.50 -8.10
C THR C 118 27.88 -13.53 -9.58
N SER C 119 27.06 -14.50 -9.97
CA SER C 119 26.64 -14.62 -11.36
C SER C 119 25.15 -14.92 -11.42
N LEU C 120 24.51 -14.51 -12.51
CA LEU C 120 23.14 -14.92 -12.76
C LEU C 120 23.13 -16.40 -13.09
N ASN C 121 22.39 -17.19 -12.33
CA ASN C 121 22.31 -18.63 -12.54
C ASN C 121 21.21 -19.23 -11.70
N LEU C 122 20.50 -20.19 -12.26
CA LEU C 122 19.46 -20.89 -11.50
C LEU C 122 20.11 -21.59 -10.33
N PHE C 123 19.40 -21.64 -9.20
CA PHE C 123 19.82 -22.47 -8.08
C PHE C 123 19.49 -23.94 -8.33
N HIS C 124 20.44 -24.82 -8.08
CA HIS C 124 20.22 -26.24 -8.23
C HIS C 124 20.56 -26.97 -6.93
N ASP C 125 21.82 -26.85 -6.52
CA ASP C 125 22.27 -27.45 -5.28
C ASP C 125 23.51 -26.74 -4.76
N ASP C 126 23.67 -25.48 -5.15
CA ASP C 126 24.88 -24.74 -4.84
C ASP C 126 24.90 -24.18 -3.41
N ILE C 127 24.96 -25.06 -2.42
CA ILE C 127 24.99 -24.62 -1.03
C ILE C 127 26.23 -23.80 -0.69
N HIS C 128 27.38 -24.21 -1.23
CA HIS C 128 28.62 -23.48 -1.02
C HIS C 128 28.50 -22.01 -1.39
N HIS C 129 27.88 -21.73 -2.53
CA HIS C 129 27.71 -20.34 -2.98
C HIS C 129 26.74 -19.55 -2.12
N VAL C 130 25.73 -20.24 -1.58
CA VAL C 130 24.77 -19.61 -0.70
C VAL C 130 25.41 -19.23 0.65
N ARG C 131 26.25 -20.12 1.18
CA ARG C 131 26.92 -19.85 2.47
C ARG C 131 28.06 -18.86 2.30
N LYS C 132 28.75 -18.94 1.16
CA LYS C 132 29.77 -17.96 0.87
C LYS C 132 29.13 -16.58 0.81
N SER C 133 28.04 -16.46 0.05
CA SER C 133 27.35 -15.18 -0.10
C SER C 133 26.91 -14.65 1.26
N MET C 134 26.37 -15.50 2.11
CA MET C 134 25.97 -15.07 3.44
C MET C 134 27.18 -14.53 4.21
N GLU C 135 28.29 -15.26 4.15
CA GLU C 135 29.51 -14.90 4.88
C GLU C 135 30.08 -13.54 4.49
N VAL C 136 30.32 -13.37 3.19
CA VAL C 136 30.95 -12.16 2.63
C VAL C 136 30.00 -10.97 2.58
N ASN C 137 28.81 -11.18 2.05
CA ASN C 137 27.82 -10.11 1.89
C ASN C 137 27.12 -9.70 3.16
N PHE C 138 26.92 -10.64 4.09
CA PHE C 138 26.12 -10.34 5.28
C PHE C 138 26.91 -10.38 6.58
N LEU C 139 27.40 -11.55 6.93
CA LEU C 139 28.10 -11.72 8.19
C LEU C 139 29.28 -10.75 8.37
N SER C 140 30.13 -10.63 7.35
CA SER C 140 31.28 -9.72 7.46
C SER C 140 30.85 -8.27 7.73
N TYR C 141 29.71 -7.86 7.19
CA TYR C 141 29.15 -6.53 7.45
C TYR C 141 28.84 -6.36 8.94
N VAL C 142 28.28 -7.40 9.53
CA VAL C 142 28.00 -7.41 10.97
C VAL C 142 29.31 -7.28 11.78
N VAL C 143 30.32 -8.07 11.42
CA VAL C 143 31.61 -8.04 12.11
C VAL C 143 32.27 -6.67 12.01
N LEU C 144 32.32 -6.13 10.79
CA LEU C 144 32.89 -4.81 10.55
C LEU C 144 32.20 -3.77 11.42
N THR C 145 30.87 -3.84 11.46
CA THR C 145 30.06 -2.92 12.26
C THR C 145 30.41 -3.01 13.74
N VAL C 146 30.56 -4.23 14.24
CA VAL C 146 30.86 -4.44 15.66
C VAL C 146 32.23 -3.89 16.02
N ALA C 147 33.20 -4.03 15.13
CA ALA C 147 34.54 -3.51 15.34
C ALA C 147 34.61 -1.98 15.19
N ALA C 148 33.68 -1.44 14.41
CA ALA C 148 33.72 -0.02 14.07
C ALA C 148 32.90 0.79 15.04
N LEU C 149 32.06 0.10 15.79
CA LEU C 149 30.99 0.74 16.57
C LEU C 149 31.46 1.66 17.71
N PRO C 150 32.44 1.21 18.50
CA PRO C 150 32.99 2.06 19.56
C PRO C 150 33.46 3.42 19.03
N MET C 151 34.06 3.42 17.85
CA MET C 151 34.56 4.65 17.24
C MET C 151 33.47 5.52 16.65
N LEU C 152 32.44 4.88 16.11
CA LEU C 152 31.32 5.60 15.53
C LEU C 152 30.45 6.20 16.62
N LYS C 153 30.38 5.55 17.78
CA LYS C 153 29.74 6.14 18.94
C LYS C 153 30.55 7.33 19.43
N GLN C 154 31.87 7.18 19.47
CA GLN C 154 32.75 8.31 19.71
C GLN C 154 32.37 9.54 18.91
N SER C 155 31.98 9.32 17.66
CA SER C 155 31.85 10.39 16.65
C SER C 155 30.42 10.70 16.25
N ASN C 156 29.48 10.00 16.87
CA ASN C 156 28.08 10.09 16.44
C ASN C 156 28.07 9.89 14.93
N GLY C 157 28.62 8.76 14.49
CA GLY C 157 28.90 8.54 13.08
C GLY C 157 27.81 7.87 12.27
N SER C 158 28.20 7.30 11.13
CA SER C 158 27.25 6.71 10.21
C SER C 158 27.69 5.34 9.69
N ILE C 159 26.71 4.47 9.51
CA ILE C 159 26.89 3.18 8.87
C ILE C 159 26.06 3.22 7.60
N VAL C 160 26.71 3.01 6.47
CA VAL C 160 26.06 3.03 5.17
C VAL C 160 26.12 1.61 4.62
N VAL C 161 24.97 0.97 4.45
CA VAL C 161 24.93 -0.40 3.95
C VAL C 161 24.38 -0.45 2.54
N VAL C 162 25.20 -0.91 1.60
CA VAL C 162 24.81 -0.93 0.18
C VAL C 162 24.08 -2.22 -0.16
N SER C 163 22.82 -2.09 -0.58
CA SER C 163 21.99 -3.23 -0.91
C SER C 163 21.42 -3.07 -2.31
N SER C 164 20.37 -3.83 -2.64
CA SER C 164 19.85 -3.85 -4.00
C SER C 164 18.34 -4.11 -4.05
N LEU C 165 17.78 -4.05 -5.25
CA LEU C 165 16.38 -4.38 -5.43
C LEU C 165 16.17 -5.84 -5.04
N ALA C 166 17.17 -6.66 -5.31
CA ALA C 166 17.08 -8.09 -5.02
C ALA C 166 17.17 -8.36 -3.52
N GLY C 167 17.28 -7.28 -2.74
CA GLY C 167 17.27 -7.37 -1.28
C GLY C 167 16.02 -6.75 -0.72
N LYS C 168 15.07 -6.46 -1.62
CA LYS C 168 13.77 -5.90 -1.28
C LYS C 168 12.67 -6.72 -1.94
N VAL C 169 12.97 -7.30 -3.11
CA VAL C 169 12.01 -8.14 -3.81
C VAL C 169 12.65 -9.44 -4.30
N ALA C 170 11.90 -10.23 -5.06
CA ALA C 170 12.35 -11.56 -5.39
C ALA C 170 12.44 -11.76 -6.90
N TYR C 171 13.67 -11.88 -7.40
CA TYR C 171 13.90 -12.21 -8.80
C TYR C 171 14.48 -13.62 -8.88
N PRO C 172 14.39 -14.26 -10.05
CA PRO C 172 15.04 -15.56 -10.24
C PRO C 172 16.53 -15.35 -10.51
N MET C 173 17.31 -16.42 -10.56
CA MET C 173 18.71 -16.33 -11.01
C MET C 173 19.67 -15.66 -10.01
N VAL C 174 19.16 -15.25 -8.86
CA VAL C 174 20.00 -14.62 -7.82
C VAL C 174 19.60 -15.06 -6.42
N ALA C 175 19.36 -16.35 -6.22
CA ALA C 175 18.87 -16.83 -4.93
C ALA C 175 19.81 -16.43 -3.79
N ALA C 176 21.03 -16.97 -3.80
CA ALA C 176 22.00 -16.69 -2.74
C ALA C 176 22.17 -15.20 -2.49
N TYR C 177 22.58 -14.46 -3.53
CA TYR C 177 22.66 -12.99 -3.48
C TYR C 177 21.46 -12.37 -2.72
N SER C 178 20.25 -12.64 -3.19
CA SER C 178 19.04 -12.11 -2.56
C SER C 178 18.92 -12.49 -1.09
N ALA C 179 19.25 -13.72 -0.77
CA ALA C 179 19.23 -14.17 0.62
C ALA C 179 20.13 -13.31 1.49
N SER C 180 21.26 -12.90 0.94
CA SER C 180 22.25 -12.16 1.74
C SER C 180 21.78 -10.74 1.94
N LYS C 181 21.40 -10.09 0.83
CA LYS C 181 20.83 -8.74 0.87
C LYS C 181 19.57 -8.63 1.73
N PHE C 182 18.64 -9.57 1.59
CA PHE C 182 17.46 -9.54 2.45
C PHE C 182 17.89 -9.60 3.91
N ALA C 183 18.93 -10.37 4.20
CA ALA C 183 19.42 -10.53 5.56
C ALA C 183 19.92 -9.19 6.12
N LEU C 184 20.64 -8.44 5.29
CA LEU C 184 21.16 -7.12 5.66
C LEU C 184 20.02 -6.19 6.06
N ASP C 185 18.92 -6.25 5.30
CA ASP C 185 17.75 -5.41 5.59
C ASP C 185 17.21 -5.75 6.99
N GLY C 186 16.97 -7.03 7.24
CA GLY C 186 16.50 -7.49 8.54
C GLY C 186 17.42 -7.06 9.68
N PHE C 187 18.70 -7.35 9.53
CA PHE C 187 19.64 -7.07 10.62
C PHE C 187 19.81 -5.57 10.86
N PHE C 188 20.18 -4.82 9.84
CA PHE C 188 20.52 -3.43 10.06
C PHE C 188 19.32 -2.52 10.37
N SER C 189 18.14 -2.89 9.88
CA SER C 189 16.91 -2.18 10.27
C SER C 189 16.49 -2.50 11.72
N SER C 190 16.82 -3.70 12.19
CA SER C 190 16.51 -4.05 13.58
C SER C 190 17.40 -3.33 14.58
N ILE C 191 18.69 -3.24 14.29
CA ILE C 191 19.58 -2.52 15.19
C ILE C 191 19.32 -1.02 15.09
N ARG C 192 18.97 -0.54 13.90
CA ARG C 192 18.57 0.86 13.77
C ARG C 192 17.51 1.16 14.84
N LYS C 193 16.45 0.36 14.85
CA LYS C 193 15.42 0.53 15.88
C LYS C 193 15.98 0.41 17.31
N GLU C 194 16.87 -0.55 17.53
CA GLU C 194 17.53 -0.67 18.83
C GLU C 194 18.24 0.63 19.21
N TYR C 195 19.00 1.19 18.27
CA TYR C 195 19.82 2.39 18.49
C TYR C 195 18.98 3.63 18.77
N SER C 196 17.76 3.65 18.25
CA SER C 196 16.87 4.79 18.45
C SER C 196 16.37 4.76 19.89
N VAL C 197 15.70 3.67 20.25
CA VAL C 197 15.27 3.38 21.61
C VAL C 197 16.33 3.66 22.69
N SER C 198 17.54 3.18 22.44
CA SER C 198 18.57 3.17 23.47
C SER C 198 19.51 4.37 23.36
N ARG C 199 19.14 5.34 22.53
CA ARG C 199 19.93 6.56 22.39
C ARG C 199 21.41 6.27 22.08
N VAL C 200 21.65 5.42 21.08
CA VAL C 200 22.95 5.38 20.43
C VAL C 200 22.79 6.25 19.19
N ASN C 201 23.71 7.19 18.98
CA ASN C 201 23.52 8.17 17.92
C ASN C 201 24.31 7.88 16.64
N VAL C 202 24.31 6.61 16.23
CA VAL C 202 24.89 6.20 14.96
C VAL C 202 23.79 5.99 13.93
N SER C 203 23.83 6.72 12.81
CA SER C 203 22.82 6.57 11.76
C SER C 203 23.04 5.27 11.00
N ILE C 204 21.97 4.74 10.42
CA ILE C 204 22.10 3.56 9.56
C ILE C 204 21.34 3.75 8.25
N THR C 205 22.11 3.92 7.17
CA THR C 205 21.57 4.15 5.83
C THR C 205 21.61 2.86 5.01
N LEU C 206 20.44 2.41 4.56
CA LEU C 206 20.35 1.23 3.70
C LEU C 206 20.10 1.67 2.27
N CYS C 207 21.03 1.38 1.38
CA CYS C 207 20.89 1.82 -0.01
C CYS C 207 20.37 0.71 -0.93
N VAL C 208 19.20 0.93 -1.52
CA VAL C 208 18.61 -0.06 -2.43
C VAL C 208 18.96 0.30 -3.87
N LEU C 209 19.92 -0.39 -4.46
CA LEU C 209 20.39 -0.07 -5.81
C LEU C 209 19.73 -0.90 -6.92
N GLY C 210 19.30 -0.22 -7.97
CA GLY C 210 18.83 -0.90 -9.17
C GLY C 210 20.04 -1.25 -9.98
N LEU C 211 19.87 -1.51 -11.27
CA LEU C 211 21.01 -1.84 -12.12
C LEU C 211 21.97 -0.65 -12.26
N ILE C 212 23.26 -0.92 -12.08
CA ILE C 212 24.31 0.08 -12.13
C ILE C 212 25.35 -0.38 -13.14
N ASP C 213 25.87 0.54 -13.96
CA ASP C 213 26.65 0.16 -15.14
C ASP C 213 28.11 -0.27 -14.88
N THR C 214 28.40 -0.83 -13.71
CA THR C 214 29.75 -1.31 -13.42
C THR C 214 30.12 -2.46 -14.35
N GLU C 215 31.40 -2.57 -14.70
CA GLU C 215 31.85 -3.62 -15.60
C GLU C 215 31.46 -5.00 -15.08
N THR C 216 31.60 -5.21 -13.76
CA THR C 216 31.30 -6.52 -13.17
C THR C 216 29.81 -6.87 -13.27
N ALA C 217 28.97 -5.85 -13.33
CA ALA C 217 27.52 -6.05 -13.44
C ALA C 217 27.08 -6.20 -14.90
N MET C 218 27.74 -5.52 -15.81
CA MET C 218 27.39 -5.59 -17.23
C MET C 218 27.86 -6.87 -17.92
N LYS C 219 28.87 -7.53 -17.35
CA LYS C 219 29.32 -8.82 -17.88
C LYS C 219 28.52 -10.00 -17.31
N ALA C 220 27.77 -9.74 -16.23
CA ALA C 220 26.94 -10.77 -15.62
C ALA C 220 25.57 -10.85 -16.30
N VAL C 221 25.07 -9.71 -16.76
CA VAL C 221 23.76 -9.65 -17.40
C VAL C 221 23.84 -9.40 -18.90
N SER C 222 25.02 -9.63 -19.48
CA SER C 222 25.20 -9.43 -20.92
C SER C 222 24.61 -10.61 -21.71
N GLY C 223 24.73 -11.81 -21.15
CA GLY C 223 24.27 -13.01 -21.81
C GLY C 223 22.76 -13.16 -21.80
N ILE C 224 22.13 -12.58 -20.79
CA ILE C 224 20.68 -12.65 -20.65
C ILE C 224 20.10 -11.26 -20.45
N VAL C 225 18.85 -11.21 -20.00
CA VAL C 225 18.16 -9.98 -19.56
C VAL C 225 18.35 -8.69 -20.40
N HIS C 226 17.34 -7.82 -20.34
CA HIS C 226 17.28 -6.62 -21.18
C HIS C 226 18.17 -5.50 -20.68
N MET C 227 18.00 -5.12 -19.41
CA MET C 227 18.87 -4.15 -18.72
C MET C 227 18.38 -2.69 -18.74
N GLN C 228 19.34 -1.77 -18.64
CA GLN C 228 19.12 -0.32 -18.49
C GLN C 228 19.83 0.16 -17.22
N ALA C 229 21.13 0.36 -17.31
CA ALA C 229 21.96 0.59 -16.13
C ALA C 229 22.23 2.06 -15.82
N ALA C 230 21.86 2.49 -14.61
CA ALA C 230 22.19 3.82 -14.11
C ALA C 230 23.70 3.98 -13.90
N PRO C 231 24.20 5.23 -13.92
CA PRO C 231 25.66 5.45 -13.88
C PRO C 231 26.28 5.29 -12.49
N LYS C 232 27.45 4.66 -12.44
CA LYS C 232 28.12 4.39 -11.18
C LYS C 232 28.63 5.63 -10.43
N GLU C 233 29.15 6.62 -11.17
CA GLU C 233 29.61 7.85 -10.52
C GLU C 233 28.45 8.54 -9.79
N GLU C 234 27.35 8.80 -10.49
CA GLU C 234 26.25 9.48 -9.84
C GLU C 234 25.69 8.61 -8.72
N CYS C 235 25.71 7.30 -8.94
CA CYS C 235 25.21 6.36 -7.94
C CYS C 235 25.98 6.51 -6.62
N ALA C 236 27.30 6.43 -6.71
CA ALA C 236 28.17 6.60 -5.55
C ALA C 236 27.90 7.92 -4.81
N LEU C 237 27.74 9.00 -5.56
CA LEU C 237 27.46 10.31 -4.95
C LEU C 237 26.15 10.31 -4.14
N GLU C 238 25.13 9.64 -4.68
CA GLU C 238 23.86 9.52 -3.98
C GLU C 238 23.99 8.65 -2.73
N ILE C 239 24.85 7.65 -2.76
CA ILE C 239 25.11 6.83 -1.58
C ILE C 239 25.77 7.67 -0.50
N ILE C 240 26.77 8.44 -0.90
CA ILE C 240 27.47 9.33 0.00
C ILE C 240 26.51 10.36 0.60
N LYS C 241 25.73 11.03 -0.25
CA LYS C 241 24.70 11.96 0.23
C LYS C 241 23.80 11.30 1.26
N GLY C 242 23.32 10.09 0.94
CA GLY C 242 22.51 9.34 1.87
C GLY C 242 23.04 9.38 3.29
N GLY C 243 24.23 8.82 3.50
CA GLY C 243 24.78 8.69 4.83
C GLY C 243 25.17 10.01 5.47
N ALA C 244 25.60 10.96 4.63
CA ALA C 244 25.97 12.29 5.10
C ALA C 244 24.74 12.98 5.69
N LEU C 245 23.56 12.60 5.22
CA LEU C 245 22.31 13.19 5.70
C LEU C 245 21.59 12.24 6.64
N ARG C 246 22.31 11.23 7.12
CA ARG C 246 21.78 10.29 8.10
C ARG C 246 20.38 9.76 7.74
N GLN C 247 20.07 9.72 6.44
CA GLN C 247 18.81 9.13 5.99
C GLN C 247 18.80 7.62 6.23
N GLU C 248 17.61 7.10 6.52
CA GLU C 248 17.43 5.67 6.76
C GLU C 248 17.61 4.85 5.49
N GLU C 249 17.02 5.31 4.39
CA GLU C 249 17.08 4.56 3.14
C GLU C 249 17.40 5.50 2.00
N VAL C 250 17.98 4.94 0.95
CA VAL C 250 18.28 5.71 -0.25
C VAL C 250 18.00 4.79 -1.42
N TYR C 251 17.27 5.28 -2.41
CA TYR C 251 16.96 4.44 -3.57
C TYR C 251 17.61 5.03 -4.80
N TYR C 252 18.25 4.19 -5.61
CA TYR C 252 18.85 4.65 -6.86
C TYR C 252 18.65 3.63 -7.99
N ASP C 253 17.91 4.04 -9.01
CA ASP C 253 17.64 3.23 -10.18
C ASP C 253 17.56 4.21 -11.33
N SER C 254 17.90 3.76 -12.53
CA SER C 254 17.85 4.63 -13.70
C SER C 254 16.42 5.01 -14.10
N SER C 255 15.44 4.53 -13.32
CA SER C 255 14.02 4.79 -13.56
C SER C 255 13.32 5.39 -12.33
N LEU C 256 12.72 6.55 -12.50
CA LEU C 256 12.01 7.20 -11.40
C LEU C 256 10.72 6.44 -11.12
N TRP C 257 10.24 5.70 -12.12
CA TRP C 257 9.09 4.83 -11.92
C TRP C 257 9.46 3.77 -10.90
N THR C 258 10.51 3.00 -11.19
CA THR C 258 10.95 1.93 -10.31
C THR C 258 11.24 2.39 -8.87
N THR C 259 11.83 3.57 -8.71
CA THR C 259 12.23 4.02 -7.38
C THR C 259 11.07 4.27 -6.41
N LEU C 260 9.95 4.74 -6.95
CA LEU C 260 8.78 5.05 -6.13
C LEU C 260 8.24 3.81 -5.44
N LEU C 261 8.46 2.66 -6.07
CA LEU C 261 7.88 1.42 -5.59
C LEU C 261 8.74 0.73 -4.55
N ILE C 262 9.99 1.15 -4.44
CA ILE C 262 10.90 0.54 -3.47
C ILE C 262 10.42 0.81 -2.05
N ARG C 263 10.14 2.08 -1.73
CA ARG C 263 9.64 2.42 -0.41
C ARG C 263 8.45 1.53 -0.05
N ASN C 264 8.36 1.15 1.22
CA ASN C 264 7.21 0.37 1.71
C ASN C 264 6.60 1.03 2.93
N PRO C 265 5.46 1.73 2.73
CA PRO C 265 4.74 2.46 3.78
C PRO C 265 3.99 1.54 4.75
N SER C 266 3.39 0.46 4.23
CA SER C 266 2.67 -0.51 5.06
C SER C 266 3.61 -1.11 6.11
N ARG C 267 4.89 -1.22 5.76
CA ARG C 267 5.88 -1.69 6.70
C ARG C 267 6.12 -0.64 7.79
N LYS C 268 6.28 0.62 7.39
CA LYS C 268 6.42 1.71 8.37
C LYS C 268 5.31 1.72 9.40
N ILE C 269 4.07 1.53 8.94
CA ILE C 269 2.93 1.51 9.84
C ILE C 269 3.06 0.40 10.87
N LEU C 270 3.27 -0.84 10.42
CA LEU C 270 3.41 -1.98 11.35
C LEU C 270 4.63 -1.87 12.28
N GLU C 271 5.70 -1.26 11.79
CA GLU C 271 6.87 -1.01 12.63
C GLU C 271 6.50 -0.10 13.79
N PHE C 272 5.80 1.00 13.52
CA PHE C 272 5.36 1.90 14.57
C PHE C 272 4.28 1.29 15.47
N LEU C 273 3.45 0.42 14.89
CA LEU C 273 2.37 -0.20 15.63
C LEU C 273 2.89 -1.11 16.75
N TYR C 274 4.03 -1.74 16.52
CA TYR C 274 4.64 -2.62 17.50
C TYR C 274 5.63 -1.86 18.39
N SER C 275 5.78 -0.55 18.14
CA SER C 275 6.76 0.25 18.87
C SER C 275 6.25 0.57 20.27
N THR C 276 4.93 0.60 20.43
CA THR C 276 4.34 0.75 21.75
C THR C 276 4.52 -0.56 22.52
N SER C 277 4.46 -1.68 21.80
CA SER C 277 4.61 -3.01 22.39
C SER C 277 5.79 -3.08 23.36
N GLU D 20 -10.18 -25.39 -2.25
CA GLU D 20 -10.65 -25.10 -0.90
C GLU D 20 -10.31 -26.29 0.01
N PHE D 21 -9.94 -26.01 1.26
CA PHE D 21 -9.31 -27.02 2.13
C PHE D 21 -10.16 -28.23 2.55
N ARG D 22 -9.56 -29.41 2.43
CA ARG D 22 -10.17 -30.68 2.87
C ARG D 22 -9.13 -31.57 3.56
N PRO D 23 -9.42 -32.00 4.80
CA PRO D 23 -8.49 -32.77 5.64
C PRO D 23 -8.07 -34.12 5.06
N GLU D 24 -8.56 -34.48 3.88
CA GLU D 24 -8.16 -35.73 3.26
C GLU D 24 -7.00 -35.46 2.30
N MET D 25 -6.78 -34.19 2.00
CA MET D 25 -5.69 -33.80 1.12
C MET D 25 -4.37 -34.33 1.67
N LEU D 26 -4.27 -34.37 2.99
CA LEU D 26 -3.06 -34.82 3.65
C LEU D 26 -3.13 -36.31 4.00
N GLN D 27 -4.09 -37.01 3.40
CA GLN D 27 -4.26 -38.44 3.66
C GLN D 27 -3.23 -39.27 2.90
N GLY D 28 -2.34 -39.92 3.64
CA GLY D 28 -1.31 -40.75 3.04
C GLY D 28 -0.21 -39.95 2.36
N LYS D 29 -0.21 -38.65 2.57
CA LYS D 29 0.86 -37.80 2.06
C LYS D 29 2.09 -37.93 2.94
N LYS D 30 3.23 -38.25 2.35
CA LYS D 30 4.48 -38.40 3.08
C LYS D 30 5.09 -37.04 3.41
N VAL D 31 5.30 -36.77 4.69
CA VAL D 31 5.70 -35.44 5.14
C VAL D 31 6.82 -35.43 6.18
N ILE D 32 7.81 -34.57 5.98
CA ILE D 32 8.79 -34.30 7.01
C ILE D 32 8.35 -33.06 7.81
N VAL D 33 8.65 -33.05 9.11
CA VAL D 33 8.34 -31.91 9.96
C VAL D 33 9.49 -31.66 10.94
N THR D 34 10.30 -30.65 10.68
CA THR D 34 11.43 -30.36 11.56
C THR D 34 10.98 -29.53 12.77
N GLY D 35 11.81 -29.48 13.81
CA GLY D 35 11.44 -28.76 15.03
C GLY D 35 10.08 -29.21 15.51
N ALA D 36 9.89 -30.52 15.55
CA ALA D 36 8.60 -31.12 15.85
C ALA D 36 8.52 -31.70 17.27
N SER D 37 9.46 -31.29 18.12
CA SER D 37 9.53 -31.81 19.48
C SER D 37 8.86 -30.86 20.49
N LYS D 38 8.34 -29.75 20.00
CA LYS D 38 7.52 -28.85 20.82
C LYS D 38 6.97 -27.69 20.01
N GLY D 39 6.30 -26.77 20.71
CA GLY D 39 5.69 -25.63 20.07
C GLY D 39 4.98 -25.99 18.78
N ILE D 40 4.89 -25.02 17.89
CA ILE D 40 4.16 -25.16 16.63
C ILE D 40 4.54 -26.42 15.83
N GLY D 41 5.81 -26.81 15.91
CA GLY D 41 6.27 -27.99 15.20
C GLY D 41 5.58 -29.24 15.68
N ARG D 42 5.42 -29.36 17.00
CA ARG D 42 4.75 -30.52 17.58
C ARG D 42 3.32 -30.61 17.06
N GLU D 43 2.60 -29.49 17.13
CA GLU D 43 1.20 -29.45 16.70
C GLU D 43 0.98 -29.94 15.28
N MET D 44 1.74 -29.38 14.33
CA MET D 44 1.60 -29.75 12.94
C MET D 44 1.64 -31.26 12.78
N ALA D 45 2.51 -31.91 13.56
CA ALA D 45 2.67 -33.36 13.49
C ALA D 45 1.42 -34.08 13.96
N TYR D 46 0.80 -33.56 15.01
CA TYR D 46 -0.45 -34.14 15.51
C TYR D 46 -1.55 -33.97 14.49
N HIS D 47 -1.70 -32.74 13.99
CA HIS D 47 -2.66 -32.45 12.93
C HIS D 47 -2.47 -33.39 11.74
N LEU D 48 -1.22 -33.69 11.41
CA LEU D 48 -0.94 -34.57 10.28
C LEU D 48 -1.30 -36.02 10.61
N ALA D 49 -1.22 -36.38 11.89
CA ALA D 49 -1.56 -37.73 12.32
C ALA D 49 -3.06 -37.97 12.21
N LYS D 50 -3.84 -36.95 12.51
CA LYS D 50 -5.29 -37.05 12.42
C LYS D 50 -5.74 -37.25 10.98
N MET D 51 -5.11 -36.52 10.06
CA MET D 51 -5.44 -36.65 8.64
C MET D 51 -4.77 -37.89 8.07
N GLY D 52 -4.31 -38.76 8.96
CA GLY D 52 -3.77 -40.06 8.58
C GLY D 52 -2.63 -40.01 7.61
N ALA D 53 -1.75 -39.01 7.78
CA ALA D 53 -0.58 -38.88 6.92
C ALA D 53 0.59 -39.67 7.49
N HIS D 54 1.60 -39.89 6.66
CA HIS D 54 2.87 -40.44 7.14
C HIS D 54 3.74 -39.29 7.60
N VAL D 55 4.10 -39.29 8.88
CA VAL D 55 5.01 -38.26 9.38
C VAL D 55 6.42 -38.81 9.55
N VAL D 56 7.40 -37.92 9.44
CA VAL D 56 8.76 -38.17 9.89
C VAL D 56 9.23 -36.91 10.62
N VAL D 57 9.15 -36.93 11.94
CA VAL D 57 9.50 -35.79 12.75
C VAL D 57 10.99 -35.77 13.06
N THR D 58 11.51 -34.59 13.37
CA THR D 58 12.92 -34.47 13.78
C THR D 58 13.17 -33.31 14.73
N ALA D 59 14.23 -33.47 15.52
CA ALA D 59 14.60 -32.51 16.55
C ALA D 59 15.75 -33.18 17.27
N ARG D 60 16.47 -32.43 18.10
CA ARG D 60 17.67 -32.95 18.72
C ARG D 60 17.35 -34.07 19.73
N SER D 61 16.16 -34.01 20.32
CA SER D 61 15.86 -34.81 21.50
C SER D 61 15.09 -36.11 21.21
N LYS D 62 15.78 -37.24 21.32
CA LYS D 62 15.18 -38.56 21.13
C LYS D 62 13.99 -38.77 22.08
N GLU D 63 14.08 -38.17 23.26
CA GLU D 63 13.04 -38.28 24.28
C GLU D 63 11.68 -37.80 23.78
N THR D 64 11.51 -36.49 23.73
CA THR D 64 10.25 -35.89 23.30
C THR D 64 9.81 -36.25 21.89
N LEU D 65 10.78 -36.46 21.00
CA LEU D 65 10.48 -36.99 19.66
C LEU D 65 9.69 -38.28 19.78
N GLN D 66 10.15 -39.16 20.67
CA GLN D 66 9.42 -40.39 20.98
C GLN D 66 8.00 -40.11 21.49
N LYS D 67 7.92 -39.30 22.54
CA LYS D 67 6.63 -38.89 23.10
C LYS D 67 5.64 -38.47 22.01
N VAL D 68 6.19 -37.90 20.94
CA VAL D 68 5.37 -37.38 19.85
C VAL D 68 5.03 -38.44 18.80
N VAL D 69 5.97 -39.31 18.46
CA VAL D 69 5.74 -40.34 17.44
C VAL D 69 4.63 -41.31 17.84
N SER D 70 4.68 -41.78 19.08
CA SER D 70 3.67 -42.69 19.61
C SER D 70 2.27 -42.07 19.51
N HIS D 71 2.17 -40.84 20.01
CA HIS D 71 0.90 -40.12 20.02
C HIS D 71 0.39 -39.82 18.62
N CYS D 72 1.27 -39.87 17.63
CA CYS D 72 0.86 -39.73 16.24
C CYS D 72 0.09 -40.98 15.83
N LEU D 73 0.59 -42.13 16.26
CA LEU D 73 -0.07 -43.40 15.97
C LEU D 73 -1.44 -43.47 16.64
N GLU D 74 -1.55 -42.91 17.84
CA GLU D 74 -2.82 -42.92 18.57
C GLU D 74 -3.81 -41.95 17.96
N LEU D 75 -3.36 -41.24 16.93
CA LEU D 75 -4.22 -40.25 16.28
C LEU D 75 -4.64 -40.66 14.88
N GLY D 76 -3.97 -41.68 14.33
CA GLY D 76 -4.41 -42.26 13.07
C GLY D 76 -3.35 -42.24 11.98
N ALA D 77 -2.16 -41.78 12.32
CA ALA D 77 -1.06 -41.71 11.37
C ALA D 77 -0.85 -43.04 10.66
N ALA D 78 -0.61 -42.97 9.35
CA ALA D 78 -0.24 -44.16 8.59
C ALA D 78 1.09 -44.69 9.13
N SER D 79 2.15 -43.90 8.96
CA SER D 79 3.44 -44.20 9.57
C SER D 79 3.63 -43.37 10.84
N ALA D 80 4.90 -43.25 11.24
CA ALA D 80 5.30 -42.40 12.36
C ALA D 80 6.69 -42.81 12.79
N HIS D 81 7.65 -41.91 12.61
CA HIS D 81 9.03 -42.19 12.99
C HIS D 81 9.72 -40.94 13.50
N TYR D 82 10.93 -41.08 14.01
CA TYR D 82 11.75 -39.93 14.34
C TYR D 82 13.19 -40.19 13.91
N ILE D 83 13.99 -39.13 13.91
CA ILE D 83 15.42 -39.20 13.70
C ILE D 83 15.96 -37.96 14.37
N ALA D 84 16.64 -38.13 15.50
CA ALA D 84 17.15 -36.98 16.24
C ALA D 84 18.47 -36.46 15.68
N GLY D 85 18.74 -35.18 15.91
CA GLY D 85 20.00 -34.59 15.47
C GLY D 85 20.00 -33.09 15.66
N THR D 86 21.14 -32.45 15.44
CA THR D 86 21.20 -31.00 15.46
C THR D 86 21.38 -30.47 14.04
N MET D 87 20.54 -29.51 13.66
CA MET D 87 20.60 -28.93 12.33
C MET D 87 21.75 -27.95 12.24
N GLU D 88 22.56 -27.87 13.30
CA GLU D 88 23.83 -27.18 13.24
C GLU D 88 24.73 -28.01 12.36
N ASP D 89 24.45 -29.31 12.35
CA ASP D 89 25.23 -30.30 11.62
C ASP D 89 24.65 -30.52 10.25
N MET D 90 25.27 -29.90 9.25
CA MET D 90 24.77 -29.96 7.88
C MET D 90 24.82 -31.37 7.30
N THR D 91 25.84 -32.14 7.67
CA THR D 91 25.90 -33.52 7.24
C THR D 91 24.64 -34.21 7.70
N PHE D 92 24.36 -34.15 9.00
CA PHE D 92 23.14 -34.76 9.52
C PHE D 92 21.90 -34.27 8.75
N ALA D 93 21.74 -32.95 8.63
CA ALA D 93 20.54 -32.39 8.02
C ALA D 93 20.28 -32.98 6.63
N GLU D 94 21.32 -33.12 5.83
CA GLU D 94 21.19 -33.64 4.47
C GLU D 94 21.01 -35.16 4.45
N GLN D 95 21.57 -35.83 5.44
CA GLN D 95 21.39 -37.27 5.56
C GLN D 95 20.04 -37.61 6.17
N PHE D 96 19.54 -36.74 7.04
CA PHE D 96 18.26 -37.01 7.68
C PHE D 96 17.12 -37.09 6.67
N VAL D 97 17.30 -36.46 5.52
CA VAL D 97 16.25 -36.45 4.51
C VAL D 97 16.33 -37.70 3.66
N ALA D 98 17.55 -38.12 3.33
CA ALA D 98 17.74 -39.37 2.61
C ALA D 98 17.01 -40.48 3.35
N GLN D 99 17.31 -40.62 4.65
CA GLN D 99 16.78 -41.72 5.44
C GLN D 99 15.30 -41.56 5.82
N ALA D 100 14.82 -40.32 5.88
CA ALA D 100 13.39 -40.09 6.09
C ALA D 100 12.64 -40.56 4.87
N GLY D 101 13.16 -40.20 3.70
CA GLY D 101 12.52 -40.54 2.43
C GLY D 101 12.65 -42.00 2.03
N LYS D 102 13.43 -42.75 2.81
CA LYS D 102 13.55 -44.19 2.59
C LYS D 102 12.54 -44.90 3.48
N LEU D 103 12.39 -44.39 4.70
CA LEU D 103 11.44 -44.93 5.67
C LEU D 103 10.01 -44.89 5.15
N MET D 104 9.74 -43.96 4.25
CA MET D 104 8.39 -43.73 3.77
C MET D 104 8.22 -44.08 2.30
N GLY D 105 9.34 -44.19 1.59
CA GLY D 105 9.32 -44.56 0.19
C GLY D 105 8.95 -43.41 -0.72
N GLY D 106 9.12 -42.18 -0.22
CA GLY D 106 8.83 -40.99 -1.02
C GLY D 106 8.63 -39.76 -0.16
N LEU D 107 8.36 -38.62 -0.78
CA LEU D 107 8.14 -37.37 -0.03
C LEU D 107 7.19 -36.41 -0.76
N ASP D 108 6.13 -35.99 -0.06
CA ASP D 108 5.12 -35.13 -0.64
C ASP D 108 5.13 -33.69 -0.09
N MET D 109 5.51 -33.55 1.18
CA MET D 109 5.58 -32.23 1.80
C MET D 109 6.80 -32.10 2.72
N LEU D 110 7.51 -30.98 2.62
CA LEU D 110 8.66 -30.71 3.47
C LEU D 110 8.39 -29.48 4.32
N ILE D 111 8.21 -29.67 5.63
CA ILE D 111 7.86 -28.55 6.50
C ILE D 111 9.03 -28.08 7.37
N LEU D 112 9.64 -26.96 6.96
CA LEU D 112 10.81 -26.39 7.64
C LEU D 112 10.42 -25.41 8.76
N ASN D 113 10.54 -25.86 10.01
CA ASN D 113 10.04 -25.09 11.16
C ASN D 113 11.05 -24.83 12.29
N HIS D 114 12.10 -25.62 12.38
CA HIS D 114 13.08 -25.49 13.47
C HIS D 114 13.80 -24.14 13.55
N ILE D 115 14.08 -23.70 14.77
CA ILE D 115 14.92 -22.54 14.99
C ILE D 115 15.88 -22.77 16.16
N THR D 116 17.07 -22.19 16.09
CA THR D 116 18.02 -22.30 17.20
C THR D 116 17.50 -21.44 18.34
N ASN D 117 17.83 -21.82 19.57
CA ASN D 117 17.36 -21.08 20.74
C ASN D 117 17.67 -19.58 20.62
N THR D 118 16.68 -18.75 20.92
CA THR D 118 16.90 -17.31 21.00
C THR D 118 15.98 -16.64 22.03
N SER D 119 16.40 -15.47 22.50
CA SER D 119 15.59 -14.67 23.41
C SER D 119 15.69 -13.22 22.98
N LEU D 120 14.93 -12.36 23.63
CA LEU D 120 14.97 -10.93 23.34
C LEU D 120 16.20 -10.31 23.98
N ASN D 121 16.85 -9.43 23.23
CA ASN D 121 18.09 -8.82 23.69
C ASN D 121 18.56 -7.79 22.68
N LEU D 122 19.12 -6.69 23.18
CA LEU D 122 19.79 -5.74 22.31
C LEU D 122 20.97 -6.41 21.62
N PHE D 123 21.19 -6.12 20.35
CA PHE D 123 22.41 -6.62 19.75
C PHE D 123 23.57 -5.79 20.26
N HIS D 124 24.58 -6.45 20.80
CA HIS D 124 25.78 -5.75 21.22
C HIS D 124 27.01 -6.18 20.42
N ASP D 125 27.48 -7.40 20.64
CA ASP D 125 28.65 -7.88 19.92
C ASP D 125 28.59 -9.39 19.70
N ASP D 126 27.39 -9.93 19.79
CA ASP D 126 27.19 -11.37 19.71
C ASP D 126 27.19 -11.86 18.26
N ILE D 127 28.36 -11.84 17.61
CA ILE D 127 28.46 -12.43 16.28
C ILE D 127 28.11 -13.90 16.33
N HIS D 128 28.42 -14.55 17.45
CA HIS D 128 28.13 -15.97 17.60
C HIS D 128 26.65 -16.25 17.31
N HIS D 129 25.78 -15.57 18.05
CA HIS D 129 24.36 -15.85 17.90
C HIS D 129 23.89 -15.51 16.50
N VAL D 130 24.44 -14.43 15.92
CA VAL D 130 24.07 -14.03 14.57
C VAL D 130 24.45 -15.15 13.59
N ARG D 131 25.65 -15.69 13.76
CA ARG D 131 26.13 -16.75 12.90
C ARG D 131 25.32 -18.01 13.07
N LYS D 132 25.05 -18.39 14.32
CA LYS D 132 24.35 -19.64 14.53
C LYS D 132 22.97 -19.55 13.91
N SER D 133 22.25 -18.48 14.26
CA SER D 133 20.93 -18.23 13.70
C SER D 133 20.94 -18.33 12.18
N MET D 134 21.90 -17.67 11.53
CA MET D 134 22.01 -17.75 10.08
C MET D 134 22.24 -19.20 9.57
N GLU D 135 22.92 -20.03 10.36
CA GLU D 135 23.25 -21.40 9.95
C GLU D 135 22.10 -22.37 10.19
N VAL D 136 21.57 -22.36 11.42
CA VAL D 136 20.44 -23.23 11.81
C VAL D 136 19.11 -22.76 11.25
N ASN D 137 18.82 -21.48 11.42
CA ASN D 137 17.54 -20.90 11.03
C ASN D 137 17.34 -20.78 9.52
N PHE D 138 18.42 -20.87 8.76
CA PHE D 138 18.32 -20.59 7.33
C PHE D 138 19.11 -21.58 6.47
N LEU D 139 20.41 -21.66 6.74
CA LEU D 139 21.29 -22.51 5.93
C LEU D 139 20.86 -23.98 5.97
N SER D 140 20.62 -24.51 7.16
CA SER D 140 20.13 -25.88 7.31
C SER D 140 18.86 -26.07 6.49
N TYR D 141 18.01 -25.04 6.45
CA TYR D 141 16.78 -25.08 5.65
C TYR D 141 17.07 -25.28 4.17
N VAL D 142 18.11 -24.62 3.67
CA VAL D 142 18.47 -24.72 2.27
C VAL D 142 19.08 -26.09 1.98
N VAL D 143 19.77 -26.65 2.96
CA VAL D 143 20.37 -27.97 2.81
C VAL D 143 19.29 -29.04 2.70
N LEU D 144 18.36 -29.02 3.65
CA LEU D 144 17.22 -29.91 3.65
C LEU D 144 16.44 -29.85 2.34
N THR D 145 16.28 -28.64 1.82
CA THR D 145 15.50 -28.41 0.62
C THR D 145 16.17 -29.10 -0.57
N VAL D 146 17.46 -28.85 -0.71
CA VAL D 146 18.27 -29.44 -1.75
C VAL D 146 18.17 -30.96 -1.80
N ALA D 147 18.18 -31.59 -0.63
CA ALA D 147 18.19 -33.04 -0.51
C ALA D 147 16.78 -33.67 -0.61
N ALA D 148 15.75 -32.85 -0.44
CA ALA D 148 14.37 -33.31 -0.59
C ALA D 148 13.88 -32.99 -2.00
N LEU D 149 14.65 -32.21 -2.73
CA LEU D 149 14.18 -31.73 -4.02
C LEU D 149 13.86 -32.87 -5.01
N PRO D 150 14.78 -33.81 -5.20
CA PRO D 150 14.49 -34.94 -6.09
C PRO D 150 13.14 -35.62 -5.80
N MET D 151 12.93 -36.05 -4.55
CA MET D 151 11.70 -36.72 -4.16
C MET D 151 10.45 -35.87 -4.37
N LEU D 152 10.56 -34.58 -4.06
CA LEU D 152 9.42 -33.66 -4.19
C LEU D 152 9.10 -33.39 -5.65
N LYS D 153 10.13 -33.18 -6.46
CA LYS D 153 9.96 -33.06 -7.90
C LYS D 153 9.08 -34.20 -8.38
N GLN D 154 9.46 -35.42 -8.00
CA GLN D 154 8.72 -36.63 -8.33
C GLN D 154 7.23 -36.52 -8.00
N SER D 155 6.93 -36.32 -6.72
CA SER D 155 5.54 -36.26 -6.26
C SER D 155 4.88 -34.90 -6.45
N ASN D 156 5.57 -33.99 -7.14
CA ASN D 156 5.05 -32.63 -7.31
C ASN D 156 4.52 -32.03 -6.00
N GLY D 157 5.29 -32.16 -4.93
CA GLY D 157 4.87 -31.78 -3.60
C GLY D 157 5.25 -30.38 -3.13
N SER D 158 5.07 -30.13 -1.84
CA SER D 158 5.21 -28.78 -1.26
C SER D 158 6.44 -28.58 -0.38
N ILE D 159 6.91 -27.34 -0.32
CA ILE D 159 7.89 -26.92 0.66
C ILE D 159 7.24 -25.82 1.50
N VAL D 160 7.12 -26.05 2.80
CA VAL D 160 6.54 -25.05 3.68
C VAL D 160 7.67 -24.50 4.54
N VAL D 161 7.64 -23.20 4.80
CA VAL D 161 8.75 -22.54 5.46
C VAL D 161 8.19 -21.64 6.55
N VAL D 162 8.27 -22.08 7.80
CA VAL D 162 7.72 -21.26 8.88
C VAL D 162 8.57 -20.01 9.13
N SER D 163 7.93 -18.84 9.10
CA SER D 163 8.62 -17.58 9.28
C SER D 163 7.84 -16.68 10.24
N SER D 164 8.09 -15.37 10.23
CA SER D 164 7.49 -14.50 11.23
C SER D 164 7.36 -13.05 10.77
N LEU D 165 6.68 -12.23 11.57
CA LEU D 165 6.64 -10.79 11.35
C LEU D 165 8.06 -10.22 11.27
N ALA D 166 8.94 -10.71 12.14
CA ALA D 166 10.30 -10.18 12.20
C ALA D 166 11.07 -10.53 10.93
N GLY D 167 10.41 -11.21 10.01
CA GLY D 167 11.02 -11.58 8.73
C GLY D 167 10.39 -10.80 7.59
N LYS D 168 9.62 -9.79 7.96
CA LYS D 168 8.87 -8.97 6.99
C LYS D 168 8.98 -7.50 7.36
N VAL D 169 9.01 -7.21 8.66
CA VAL D 169 9.22 -5.86 9.15
C VAL D 169 10.32 -5.84 10.22
N ALA D 170 10.83 -4.66 10.55
CA ALA D 170 11.93 -4.55 11.50
C ALA D 170 11.45 -4.24 12.93
N TYR D 171 11.79 -5.14 13.86
CA TYR D 171 11.49 -4.96 15.28
C TYR D 171 12.78 -5.14 16.09
N PRO D 172 12.98 -4.28 17.11
CA PRO D 172 14.19 -4.33 17.94
C PRO D 172 14.27 -5.56 18.85
N MET D 173 15.49 -5.95 19.21
CA MET D 173 15.74 -7.03 20.16
C MET D 173 15.73 -8.45 19.57
N VAL D 174 15.37 -8.55 18.29
CA VAL D 174 15.46 -9.81 17.55
C VAL D 174 16.21 -9.60 16.22
N ALA D 175 17.38 -8.99 16.28
CA ALA D 175 18.13 -8.66 15.07
C ALA D 175 18.61 -9.91 14.31
N ALA D 176 19.33 -10.79 15.00
CA ALA D 176 19.87 -11.99 14.34
C ALA D 176 18.76 -12.93 13.85
N TYR D 177 17.77 -13.11 14.71
CA TYR D 177 16.57 -13.85 14.35
C TYR D 177 15.94 -13.25 13.10
N SER D 178 15.66 -11.95 13.16
CA SER D 178 15.10 -11.20 12.05
C SER D 178 15.94 -11.36 10.78
N ALA D 179 17.26 -11.27 10.93
CA ALA D 179 18.17 -11.39 9.79
C ALA D 179 18.06 -12.72 9.04
N SER D 180 17.80 -13.81 9.76
CA SER D 180 17.73 -15.12 9.10
C SER D 180 16.36 -15.29 8.43
N LYS D 181 15.30 -14.85 9.11
CA LYS D 181 13.95 -14.88 8.54
C LYS D 181 13.85 -14.06 7.24
N PHE D 182 14.32 -12.81 7.27
CA PHE D 182 14.47 -12.06 6.02
C PHE D 182 15.16 -12.91 4.95
N ALA D 183 16.32 -13.47 5.27
CA ALA D 183 17.02 -14.30 4.31
C ALA D 183 16.15 -15.44 3.77
N LEU D 184 15.41 -16.12 4.64
CA LEU D 184 14.45 -17.14 4.20
C LEU D 184 13.52 -16.63 3.08
N ASP D 185 12.94 -15.45 3.31
CA ASP D 185 12.05 -14.81 2.33
C ASP D 185 12.83 -14.57 1.05
N GLY D 186 13.98 -13.92 1.17
CA GLY D 186 14.78 -13.62 0.01
C GLY D 186 15.21 -14.86 -0.75
N PHE D 187 15.64 -15.90 -0.04
CA PHE D 187 16.10 -17.10 -0.72
C PHE D 187 14.95 -17.80 -1.43
N PHE D 188 13.96 -18.27 -0.68
CA PHE D 188 12.89 -19.09 -1.23
C PHE D 188 11.93 -18.37 -2.21
N SER D 189 11.62 -17.11 -1.94
CA SER D 189 10.76 -16.39 -2.89
C SER D 189 11.49 -16.29 -4.22
N SER D 190 12.81 -16.20 -4.16
CA SER D 190 13.58 -16.09 -5.38
C SER D 190 13.56 -17.41 -6.16
N ILE D 191 13.56 -18.56 -5.47
CA ILE D 191 13.59 -19.82 -6.21
C ILE D 191 12.20 -20.24 -6.64
N ARG D 192 11.18 -19.74 -5.93
CA ARG D 192 9.82 -19.90 -6.41
C ARG D 192 9.74 -19.36 -7.83
N LYS D 193 10.31 -18.18 -8.04
CA LYS D 193 10.38 -17.59 -9.37
C LYS D 193 11.06 -18.56 -10.35
N GLU D 194 12.21 -19.09 -9.95
CA GLU D 194 12.96 -20.02 -10.78
C GLU D 194 12.15 -21.28 -11.12
N TYR D 195 11.40 -21.77 -10.15
CA TYR D 195 10.58 -22.97 -10.33
C TYR D 195 9.42 -22.74 -11.29
N SER D 196 9.08 -21.47 -11.48
CA SER D 196 8.00 -21.09 -12.38
C SER D 196 8.50 -21.14 -13.81
N VAL D 197 9.55 -20.37 -14.09
CA VAL D 197 10.14 -20.35 -15.41
C VAL D 197 10.60 -21.76 -15.83
N SER D 198 11.21 -22.49 -14.90
CA SER D 198 11.70 -23.83 -15.20
C SER D 198 10.62 -24.89 -15.02
N ARG D 199 9.39 -24.45 -14.78
CA ARG D 199 8.23 -25.34 -14.71
C ARG D 199 8.46 -26.55 -13.80
N VAL D 200 9.05 -26.30 -12.64
CA VAL D 200 9.15 -27.33 -11.61
C VAL D 200 7.86 -27.26 -10.81
N ASN D 201 7.17 -28.38 -10.67
CA ASN D 201 5.87 -28.37 -9.99
C ASN D 201 5.98 -28.63 -8.49
N VAL D 202 6.91 -27.92 -7.86
CA VAL D 202 7.02 -27.91 -6.41
C VAL D 202 6.59 -26.53 -5.91
N SER D 203 5.64 -26.50 -4.97
CA SER D 203 5.12 -25.23 -4.48
C SER D 203 5.95 -24.74 -3.30
N ILE D 204 6.13 -23.44 -3.22
CA ILE D 204 6.85 -22.88 -2.08
C ILE D 204 5.95 -21.95 -1.27
N THR D 205 5.70 -22.36 -0.04
CA THR D 205 4.83 -21.63 0.87
C THR D 205 5.63 -20.99 2.01
N LEU D 206 5.38 -19.72 2.28
CA LEU D 206 6.12 -18.97 3.28
C LEU D 206 5.09 -18.44 4.26
N CYS D 207 5.11 -18.98 5.46
CA CYS D 207 4.12 -18.60 6.47
C CYS D 207 4.68 -17.55 7.41
N VAL D 208 3.94 -16.46 7.58
CA VAL D 208 4.37 -15.33 8.39
C VAL D 208 3.53 -15.27 9.66
N LEU D 209 4.13 -15.64 10.79
CA LEU D 209 3.39 -15.70 12.05
C LEU D 209 3.77 -14.55 12.95
N GLY D 210 2.77 -13.91 13.54
CA GLY D 210 2.99 -13.00 14.64
C GLY D 210 3.19 -13.88 15.87
N LEU D 211 3.01 -13.30 17.04
CA LEU D 211 3.10 -14.04 18.31
C LEU D 211 2.21 -15.28 18.35
N ILE D 212 2.77 -16.39 18.83
CA ILE D 212 2.01 -17.62 19.03
C ILE D 212 2.29 -18.11 20.44
N ASP D 213 1.29 -18.71 21.09
CA ASP D 213 1.41 -19.01 22.52
C ASP D 213 2.18 -20.30 22.87
N THR D 214 3.22 -20.61 22.10
CA THR D 214 4.11 -21.71 22.44
C THR D 214 4.85 -21.40 23.75
N GLU D 215 5.45 -22.41 24.35
CA GLU D 215 6.09 -22.23 25.65
C GLU D 215 7.39 -21.41 25.55
N THR D 216 8.20 -21.73 24.56
CA THR D 216 9.47 -21.04 24.34
C THR D 216 9.29 -19.56 24.00
N ALA D 217 8.27 -19.25 23.21
CA ALA D 217 8.02 -17.87 22.79
C ALA D 217 7.36 -17.04 23.88
N MET D 218 6.47 -17.65 24.65
CA MET D 218 5.76 -16.94 25.71
C MET D 218 6.69 -16.58 26.86
N LYS D 219 7.66 -17.45 27.14
CA LYS D 219 8.58 -17.24 28.24
C LYS D 219 9.54 -16.08 27.93
N ALA D 220 9.81 -15.85 26.65
CA ALA D 220 10.74 -14.82 26.24
C ALA D 220 10.14 -13.41 26.28
N VAL D 221 8.91 -13.26 25.78
CA VAL D 221 8.29 -11.94 25.66
C VAL D 221 7.60 -11.44 26.94
N SER D 222 7.54 -12.30 27.96
CA SER D 222 6.88 -11.95 29.22
C SER D 222 7.23 -10.54 29.69
N GLY D 223 8.52 -10.29 29.88
CA GLY D 223 8.98 -9.02 30.38
C GLY D 223 8.58 -7.82 29.53
N ILE D 224 9.02 -7.80 28.27
CA ILE D 224 8.85 -6.64 27.41
C ILE D 224 7.49 -6.55 26.73
N VAL D 225 7.36 -7.22 25.59
CA VAL D 225 6.16 -7.15 24.77
C VAL D 225 4.86 -7.10 25.57
N HIS D 226 3.95 -6.23 25.13
CA HIS D 226 2.58 -6.23 25.61
C HIS D 226 1.72 -6.65 24.42
N MET D 227 1.24 -7.90 24.45
CA MET D 227 0.83 -8.58 23.23
C MET D 227 -0.40 -9.50 23.37
N GLN D 228 -1.06 -9.78 22.26
CA GLN D 228 -2.10 -10.80 22.22
C GLN D 228 -1.52 -12.03 21.55
N ALA D 229 -1.85 -13.22 22.05
CA ALA D 229 -1.19 -14.44 21.58
C ALA D 229 -2.13 -15.41 20.87
N ALA D 230 -1.92 -15.60 19.57
CA ALA D 230 -2.68 -16.58 18.81
C ALA D 230 -2.34 -18.00 19.28
N PRO D 231 -3.32 -18.92 19.22
CA PRO D 231 -3.20 -20.31 19.70
C PRO D 231 -2.39 -21.22 18.77
N LYS D 232 -1.46 -21.98 19.34
CA LYS D 232 -0.57 -22.82 18.55
C LYS D 232 -1.29 -23.94 17.77
N GLU D 233 -2.46 -24.37 18.23
CA GLU D 233 -3.23 -25.38 17.51
C GLU D 233 -3.57 -24.87 16.13
N GLU D 234 -4.40 -23.84 16.10
CA GLU D 234 -4.90 -23.29 14.86
C GLU D 234 -3.75 -22.86 13.95
N CYS D 235 -2.70 -22.34 14.56
CA CYS D 235 -1.49 -21.97 13.83
C CYS D 235 -0.99 -23.14 12.99
N ALA D 236 -0.70 -24.26 13.65
CA ALA D 236 -0.19 -25.44 12.97
C ALA D 236 -1.08 -25.83 11.79
N LEU D 237 -2.38 -25.92 12.05
CA LEU D 237 -3.35 -26.23 11.01
C LEU D 237 -3.21 -25.26 9.84
N GLU D 238 -3.24 -23.97 10.18
CA GLU D 238 -3.17 -22.91 9.17
C GLU D 238 -1.92 -23.01 8.30
N ILE D 239 -0.82 -23.50 8.87
CA ILE D 239 0.38 -23.75 8.09
C ILE D 239 0.18 -24.91 7.09
N ILE D 240 -0.53 -25.96 7.51
CA ILE D 240 -0.74 -27.09 6.64
C ILE D 240 -1.74 -26.78 5.52
N LYS D 241 -2.79 -26.02 5.85
CA LYS D 241 -3.75 -25.60 4.83
C LYS D 241 -3.02 -24.90 3.70
N GLY D 242 -2.19 -23.92 4.06
CA GLY D 242 -1.45 -23.14 3.08
C GLY D 242 -0.64 -24.01 2.14
N GLY D 243 0.04 -25.02 2.70
CA GLY D 243 0.92 -25.88 1.94
C GLY D 243 0.20 -26.89 1.04
N ALA D 244 -0.91 -27.43 1.55
CA ALA D 244 -1.75 -28.31 0.74
C ALA D 244 -2.37 -27.52 -0.40
N LEU D 245 -2.77 -26.28 -0.12
CA LEU D 245 -3.40 -25.41 -1.12
C LEU D 245 -2.37 -24.69 -1.99
N ARG D 246 -1.09 -24.90 -1.68
CA ARG D 246 0.01 -24.35 -2.47
C ARG D 246 0.01 -22.83 -2.55
N GLN D 247 -0.39 -22.18 -1.46
CA GLN D 247 -0.39 -20.73 -1.40
C GLN D 247 1.02 -20.17 -1.25
N GLU D 248 1.30 -19.07 -1.94
CA GLU D 248 2.61 -18.45 -1.91
C GLU D 248 3.00 -18.00 -0.52
N GLU D 249 2.06 -17.39 0.19
CA GLU D 249 2.33 -16.96 1.54
C GLU D 249 1.13 -17.25 2.43
N VAL D 250 1.31 -17.11 3.74
CA VAL D 250 0.28 -17.47 4.68
C VAL D 250 0.48 -16.62 5.91
N TYR D 251 -0.50 -15.77 6.21
CA TYR D 251 -0.38 -14.88 7.36
C TYR D 251 -1.25 -15.38 8.49
N TYR D 252 -0.71 -15.33 9.70
CA TYR D 252 -1.47 -15.74 10.88
C TYR D 252 -1.03 -14.95 12.11
N ASP D 253 -1.92 -14.09 12.60
CA ASP D 253 -1.65 -13.29 13.79
C ASP D 253 -2.95 -13.03 14.55
N SER D 254 -2.81 -12.69 15.84
CA SER D 254 -3.95 -12.32 16.67
C SER D 254 -4.74 -11.19 16.01
N SER D 255 -4.10 -10.03 15.90
CA SER D 255 -4.65 -8.88 15.18
C SER D 255 -5.13 -9.27 13.79
N LEU D 256 -6.45 -9.38 13.65
CA LEU D 256 -7.05 -9.74 12.38
C LEU D 256 -6.89 -8.62 11.35
N TRP D 257 -6.20 -7.55 11.74
CA TRP D 257 -5.99 -6.45 10.81
C TRP D 257 -4.56 -6.44 10.27
N THR D 258 -3.59 -6.70 11.16
CA THR D 258 -2.19 -6.72 10.77
C THR D 258 -2.03 -7.47 9.45
N THR D 259 -2.83 -8.53 9.29
CA THR D 259 -2.84 -9.34 8.08
C THR D 259 -2.89 -8.54 6.77
N LEU D 260 -3.76 -7.54 6.72
CA LEU D 260 -3.98 -6.75 5.51
C LEU D 260 -2.74 -5.98 5.09
N LEU D 261 -1.78 -5.87 6.00
CA LEU D 261 -0.65 -4.97 5.81
C LEU D 261 0.64 -5.65 5.39
N ILE D 262 0.68 -6.98 5.48
CA ILE D 262 1.88 -7.70 5.13
C ILE D 262 1.99 -7.92 3.61
N ARG D 263 0.86 -8.02 2.93
CA ARG D 263 0.87 -8.05 1.47
C ARG D 263 1.56 -6.79 0.95
N ASN D 264 2.42 -6.94 -0.05
CA ASN D 264 3.11 -5.79 -0.62
C ASN D 264 2.94 -5.73 -2.13
N PRO D 265 2.00 -4.90 -2.61
CA PRO D 265 1.68 -4.78 -4.05
C PRO D 265 2.86 -4.20 -4.83
N SER D 266 3.49 -3.17 -4.28
CA SER D 266 4.65 -2.55 -4.91
C SER D 266 5.78 -3.57 -5.16
N ARG D 267 5.92 -4.54 -4.27
CA ARG D 267 6.86 -5.64 -4.51
C ARG D 267 6.35 -6.50 -5.67
N LYS D 268 5.06 -6.80 -5.64
CA LYS D 268 4.43 -7.58 -6.70
C LYS D 268 4.70 -6.94 -8.04
N ILE D 269 4.47 -5.62 -8.12
CA ILE D 269 4.73 -4.87 -9.34
C ILE D 269 6.17 -5.07 -9.86
N LEU D 270 7.19 -4.61 -9.12
CA LEU D 270 8.55 -4.66 -9.68
C LEU D 270 9.14 -6.06 -9.87
N GLU D 271 8.49 -7.10 -9.34
CA GLU D 271 8.87 -8.47 -9.68
C GLU D 271 8.51 -8.77 -11.14
N PHE D 272 7.47 -8.08 -11.61
CA PHE D 272 6.93 -8.28 -12.96
C PHE D 272 7.57 -7.32 -13.94
N LEU D 273 8.78 -6.88 -13.61
CA LEU D 273 9.56 -6.03 -14.51
C LEU D 273 10.82 -6.79 -14.90
N TYR D 274 11.24 -7.70 -14.02
CA TYR D 274 12.28 -8.67 -14.34
C TYR D 274 11.85 -9.37 -15.62
N SER D 275 10.57 -9.71 -15.64
CA SER D 275 9.91 -10.26 -16.82
C SER D 275 10.27 -9.46 -18.07
PA NAP E . -22.57 21.88 12.83
O1A NAP E . -21.95 22.53 14.01
O2A NAP E . -23.70 21.02 13.23
O5B NAP E . -23.14 22.96 11.75
C5B NAP E . -22.42 23.40 10.62
C4B NAP E . -22.88 24.79 10.16
O4B NAP E . -23.55 24.75 8.91
C3B NAP E . -23.84 25.48 11.12
O3B NAP E . -23.28 26.75 11.41
C2B NAP E . -25.17 25.66 10.38
O2B NAP E . -25.74 26.91 10.69
C1B NAP E . -24.65 25.64 8.94
N9A NAP E . -25.70 25.31 7.94
C8A NAP E . -26.64 24.31 8.01
N7A NAP E . -27.39 24.36 6.88
C5A NAP E . -26.92 25.36 6.10
C6A NAP E . -27.32 25.83 4.85
N6A NAP E . -28.33 25.28 4.21
N1A NAP E . -26.64 26.89 4.29
C2A NAP E . -25.59 27.48 4.95
N3A NAP E . -25.20 27.01 6.19
C4A NAP E . -25.87 25.98 6.75
O3 NAP E . -21.41 21.06 12.07
PN NAP E . -20.01 20.45 12.59
O1N NAP E . -20.29 19.21 13.33
O2N NAP E . -19.23 21.54 13.25
O5D NAP E . -19.30 20.09 11.19
C5D NAP E . -18.58 21.10 10.50
C4D NAP E . -17.76 20.47 9.38
O4D NAP E . -17.00 19.41 9.93
C3D NAP E . -18.67 19.85 8.34
O3D NAP E . -18.15 20.10 7.05
C2D NAP E . -18.56 18.36 8.59
O2D NAP E . -18.68 17.71 7.36
C1D NAP E . -17.16 18.21 9.18
N1N NAP E . -17.11 17.01 10.03
C2N NAP E . -17.59 17.06 11.31
C3N NAP E . -17.54 15.94 12.12
C7N NAP E . -18.08 16.00 13.53
O7N NAP E . -18.23 14.80 14.26
N7N NAP E . -18.43 17.18 14.05
C4N NAP E . -17.00 14.74 11.66
C5N NAP E . -16.51 14.70 10.35
C6N NAP E . -16.57 15.84 9.55
P2B NAP E . -27.32 27.21 10.50
O1X NAP E . -28.15 26.06 11.05
O2X NAP E . -27.64 27.39 9.04
O3X NAP E . -27.70 28.47 11.23
C1 33T F . -20.46 10.17 12.55
C2 33T F . -19.42 11.22 12.17
C3 33T F . -19.94 12.67 12.30
N1 33T F . -20.82 13.02 11.18
C4 33T F . -20.23 12.86 9.86
C5 33T F . -19.77 11.42 9.65
N2 33T F . -18.89 10.99 10.79
S1 33T F . -17.21 10.68 10.53
O1 33T F . -16.97 10.57 9.10
O2 33T F . -16.45 11.59 11.35
C6 33T F . -17.04 9.02 11.15
C7 33T F . -16.16 8.79 12.22
C8 33T F . -15.98 7.50 12.74
C9 33T F . -16.69 6.43 12.19
C10 33T F . -17.57 6.66 11.12
C11 33T F . -17.74 7.95 10.60
CL1 33T F . -18.83 8.10 9.27
C12 33T F . -16.57 5.03 12.69
O3 33T F . -15.48 4.45 12.65
N3 33T F . -17.72 4.45 13.17
C13 33T F . -21.63 14.18 11.33
C14 33T F . -21.06 15.46 11.48
C15 33T F . -21.86 16.60 11.60
C16 33T F . -23.23 16.48 11.59
C17 33T F . -23.83 15.23 11.44
C18 33T F . -23.04 14.08 11.31
C19 33T F . -23.73 12.75 11.16
F1 33T F . -23.17 11.77 11.93
F2 33T F . -25.05 12.76 11.48
F3 33T F . -23.67 12.29 9.87
F4 33T F . -24.00 17.58 11.72
PA NAP G . -19.35 6.99 -24.27
O1A NAP G . -18.79 6.39 -25.50
O2A NAP G . -19.10 8.45 -24.19
O5B NAP G . -20.93 6.72 -24.15
C5B NAP G . -21.57 6.45 -22.93
C4B NAP G . -23.07 6.37 -23.26
O4B NAP G . -23.86 7.22 -22.46
C3B NAP G . -23.32 6.76 -24.70
O3B NAP G . -23.83 5.63 -25.36
C2B NAP G . -24.39 7.85 -24.66
O2B NAP G . -25.39 7.59 -25.62
C1B NAP G . -24.94 7.71 -23.25
N9A NAP G . -25.44 8.99 -22.75
C8A NAP G . -24.85 10.22 -22.89
N7A NAP G . -25.64 11.14 -22.27
C5A NAP G . -26.71 10.50 -21.74
C6A NAP G . -27.80 10.95 -21.02
N6A NAP G . -27.95 12.24 -20.71
N1A NAP G . -28.75 10.04 -20.59
C2A NAP G . -28.62 8.71 -20.89
N3A NAP G . -27.52 8.27 -21.62
C4A NAP G . -26.60 9.16 -22.03
O3 NAP G . -18.81 6.19 -22.99
PN NAP G . -17.53 5.25 -22.80
O1N NAP G . -16.32 6.00 -23.25
O2N NAP G . -17.83 3.92 -23.39
O5D NAP G . -17.50 5.11 -21.19
C5D NAP G . -18.48 4.29 -20.57
C4D NAP G . -18.21 4.18 -19.07
O4D NAP G . -16.85 3.84 -18.84
C3D NAP G . -18.46 5.51 -18.37
O3D NAP G . -19.15 5.32 -17.16
C2D NAP G . -17.06 6.01 -18.09
O2D NAP G . -17.08 6.86 -16.96
C1D NAP G . -16.26 4.72 -17.90
N1N NAP G . -14.86 5.03 -18.22
C2N NAP G . -14.46 4.99 -19.53
C3N NAP G . -13.16 5.30 -19.87
C7N NAP G . -12.75 5.25 -21.31
O7N NAP G . -11.51 5.77 -21.70
N7N NAP G . -13.58 4.71 -22.19
C4N NAP G . -12.25 5.64 -18.89
C5N NAP G . -12.67 5.68 -17.57
C6N NAP G . -13.99 5.37 -17.25
P2B NAP G . -26.28 8.80 -26.22
O1X NAP G . -25.38 9.91 -26.72
O2X NAP G . -27.20 9.35 -25.18
O3X NAP G . -27.07 8.26 -27.38
C1 33T H . -8.95 10.38 -19.72
C2 33T H . -9.65 9.07 -19.37
C3 33T H . -10.92 8.80 -20.19
N1 33T H . -12.05 9.63 -19.74
C4 33T H . -12.39 9.55 -18.32
C5 33T H . -11.15 9.83 -17.47
N2 33T H . -9.98 8.99 -17.90
S1 33T H . -9.51 7.58 -17.00
O1 33T H . -10.04 7.68 -15.66
O2 33T H . -9.75 6.41 -17.81
C6 33T H . -7.76 7.82 -16.87
C7 33T H . -6.96 6.72 -17.19
C8 33T H . -5.56 6.82 -17.12
C9 33T H . -4.97 8.01 -16.71
C10 33T H . -5.78 9.13 -16.41
C11 33T H . -7.18 9.04 -16.47
CL1 33T H . -8.11 10.44 -16.06
C12 33T H . -3.48 8.14 -16.63
O3 33T H . -2.81 7.16 -16.29
N3 33T H . -2.94 9.37 -16.92
C13 33T H . -13.18 9.70 -20.60
C14 33T H . -14.04 8.60 -20.79
C15 33T H . -15.15 8.69 -21.64
C16 33T H . -15.39 9.87 -22.31
C17 33T H . -14.56 10.98 -22.14
C18 33T H . -13.44 10.91 -21.29
C19 33T H . -12.54 12.11 -21.12
F1 33T H . -11.26 11.85 -21.49
F2 33T H . -12.92 13.19 -21.86
F3 33T H . -12.48 12.54 -19.84
F4 33T H . -16.45 9.98 -23.13
PA NAP I . 31.86 -5.23 -8.04
O1A NAP I . 32.28 -4.10 -8.91
O2A NAP I . 31.73 -6.51 -8.77
O5B NAP I . 32.91 -5.50 -6.84
C5B NAP I . 32.59 -5.37 -5.47
C4B NAP I . 33.87 -5.04 -4.72
O4B NAP I . 34.08 -5.93 -3.64
C3B NAP I . 35.09 -5.16 -5.60
O3B NAP I . 35.88 -4.01 -5.35
C2B NAP I . 35.87 -6.36 -5.11
O2B NAP I . 37.23 -6.04 -5.11
C1B NAP I . 35.39 -6.47 -3.67
N9A NAP I . 35.41 -7.88 -3.22
C8A NAP I . 35.00 -8.98 -3.93
N7A NAP I . 35.18 -10.08 -3.17
C5A NAP I . 35.70 -9.69 -1.97
C6A NAP I . 36.09 -10.41 -0.85
N6A NAP I . 35.96 -11.72 -0.80
N1A NAP I . 36.61 -9.73 0.24
C2A NAP I . 36.76 -8.37 0.19
N3A NAP I . 36.37 -7.67 -0.93
C4A NAP I . 35.86 -8.32 -2.00
O3 NAP I . 30.48 -4.79 -7.37
PN NAP I . 29.50 -3.57 -7.77
O1N NAP I . 28.68 -3.93 -8.95
O2N NAP I . 30.32 -2.32 -7.79
O5D NAP I . 28.56 -3.55 -6.48
C5D NAP I . 29.03 -3.00 -5.27
C4D NAP I . 27.80 -2.94 -4.40
O4D NAP I . 26.74 -2.50 -5.21
C3D NAP I . 27.43 -4.34 -3.94
O3D NAP I . 27.01 -4.32 -2.59
C2D NAP I . 26.21 -4.66 -4.74
O2D NAP I . 25.40 -5.48 -3.94
C1D NAP I . 25.59 -3.28 -4.96
N1N NAP I . 24.68 -3.36 -6.11
C2N NAP I . 25.16 -3.24 -7.37
C3N NAP I . 24.30 -3.31 -8.46
C7N NAP I . 24.87 -3.17 -9.84
O7N NAP I . 24.00 -3.36 -10.96
N7N NAP I . 26.16 -2.88 -9.99
C4N NAP I . 22.95 -3.52 -8.27
C5N NAP I . 22.46 -3.65 -6.97
C6N NAP I . 23.34 -3.58 -5.89
P2B NAP I . 38.35 -7.20 -5.22
O1X NAP I . 38.09 -8.05 -6.44
O2X NAP I . 38.33 -8.07 -3.99
O3X NAP I . 39.67 -6.53 -5.35
C1 33T J . 21.34 -7.43 -12.16
C2 33T J . 21.55 -6.51 -10.96
C3 33T J . 23.04 -6.38 -10.55
N1 33T J . 23.47 -7.56 -9.80
C4 33T J . 22.72 -7.89 -8.59
C5 33T J . 21.24 -8.05 -8.92
N2 33T J . 20.74 -6.91 -9.75
S1 33T J . 19.64 -5.77 -9.07
O1 33T J . 19.19 -6.22 -7.76
O2 33T J . 20.16 -4.42 -9.27
C6 33T J . 18.29 -5.95 -10.20
C7 33T J . 17.87 -4.77 -10.83
C8 33T J . 16.81 -4.80 -11.74
C9 33T J . 16.18 -6.01 -12.02
C10 33T J . 16.60 -7.19 -11.38
C11 33T J . 17.66 -7.17 -10.47
CL1 33T J . 18.13 -8.68 -9.74
C12 33T J . 15.04 -6.07 -12.98
O3 33T J . 14.96 -7.01 -13.77
N3 33T J . 14.11 -5.05 -12.91
C13 33T J . 24.85 -7.79 -9.71
C14 33T J . 25.71 -6.82 -9.13
C15 33T J . 27.07 -7.05 -9.03
C16 33T J . 27.61 -8.24 -9.50
C17 33T J . 26.79 -9.22 -10.09
C18 33T J . 25.40 -9.00 -10.19
C19 33T J . 24.48 -10.06 -10.82
F1 33T J . 23.70 -9.57 -11.83
F2 33T J . 25.12 -11.13 -11.38
F3 33T J . 23.60 -10.59 -9.91
F4 33T J . 28.93 -8.43 -9.39
PA NAP K . 9.84 -23.94 19.89
O1A NAP K . 8.63 -24.32 20.65
O2A NAP K . 10.83 -23.26 20.74
O5B NAP K . 10.57 -25.24 19.30
C5B NAP K . 11.31 -25.15 18.12
C4B NAP K . 11.83 -26.53 17.77
O4B NAP K . 13.11 -26.44 17.16
C3B NAP K . 12.00 -27.41 19.00
O3B NAP K . 11.24 -28.58 18.82
C2B NAP K . 13.46 -27.81 19.05
O2B NAP K . 13.57 -29.18 19.37
C1B NAP K . 13.91 -27.51 17.63
N9A NAP K . 15.36 -27.21 17.60
C8A NAP K . 16.00 -26.31 18.41
N7A NAP K . 17.32 -26.33 18.12
C5A NAP K . 17.53 -27.22 17.12
C6A NAP K . 18.68 -27.63 16.46
N6A NAP K . 19.85 -27.08 16.78
N1A NAP K . 18.58 -28.58 15.47
C2A NAP K . 17.36 -29.13 15.14
N3A NAP K . 16.22 -28.73 15.81
C4A NAP K . 16.30 -27.79 16.79
O3 NAP K . 9.48 -23.12 18.54
PN NAP K . 8.12 -22.44 18.00
O1N NAP K . 7.65 -21.37 18.91
O2N NAP K . 7.17 -23.52 17.60
O5D NAP K . 8.63 -21.77 16.64
C5D NAP K . 8.76 -22.60 15.50
C4D NAP K . 8.72 -21.76 14.24
O4D NAP K . 7.75 -20.76 14.39
C3D NAP K . 10.02 -21.02 14.00
O3D NAP K . 10.32 -21.01 12.62
C2D NAP K . 9.71 -19.60 14.36
O2D NAP K . 10.54 -18.74 13.62
C1D NAP K . 8.25 -19.51 13.97
N1N NAP K . 7.65 -18.41 14.72
C2N NAP K . 7.19 -18.64 15.99
C3N NAP K . 6.65 -17.60 16.70
C7N NAP K . 6.16 -17.84 18.09
O7N NAP K . 5.79 -16.73 18.85
N7N NAP K . 6.11 -19.09 18.56
C4N NAP K . 6.54 -16.33 16.15
C5N NAP K . 7.00 -16.12 14.86
C6N NAP K . 7.56 -17.17 14.16
P2B NAP K . 14.72 -29.74 20.36
O1X NAP K . 15.21 -28.60 21.24
O2X NAP K . 15.84 -30.35 19.55
O3X NAP K . 14.14 -30.81 21.25
C1 33T L . 8.15 -12.02 19.42
C2 33T L . 7.76 -13.13 18.45
C3 33T L . 8.26 -14.51 18.91
N1 33T L . 9.67 -14.75 18.56
C4 33T L . 10.08 -14.43 17.18
C5 33T L . 9.72 -13.00 16.85
N2 33T L . 8.25 -12.88 17.06
S1 33T L . 7.24 -12.11 15.89
O1 33T L . 8.03 -11.70 14.73
O2 33T L . 6.07 -12.96 15.74
C6 33T L . 6.79 -10.63 16.76
C7 33T L . 5.45 -10.55 17.19
C8 33T L . 4.99 -9.43 17.89
C9 33T L . 5.87 -8.37 18.16
C10 33T L . 7.20 -8.46 17.73
C11 33T L . 7.66 -9.58 17.04
CL1 33T L . 9.32 -9.51 16.58
C12 33T L . 5.46 -7.15 18.90
O3 33T L . 4.77 -7.25 19.90
N3 33T L . 5.93 -5.96 18.40
C13 33T L . 10.23 -15.95 19.02
C14 33T L . 9.83 -17.18 18.48
C15 33T L . 10.38 -18.39 18.91
C16 33T L . 11.34 -18.36 19.92
C17 33T L . 11.76 -17.16 20.47
C18 33T L . 11.21 -15.94 20.04
C19 33T L . 11.68 -14.63 20.65
F1 33T L . 10.64 -13.89 21.15
F2 33T L . 12.54 -14.78 21.70
F3 33T L . 12.31 -13.81 19.76
F4 33T L . 11.86 -19.52 20.34
#